data_9IUZ
#
_entry.id   9IUZ
#
_cell.length_a   1.00
_cell.length_b   1.00
_cell.length_c   1.00
_cell.angle_alpha   90.00
_cell.angle_beta   90.00
_cell.angle_gamma   90.00
#
_symmetry.space_group_name_H-M   'P 1'
#
loop_
_entity.id
_entity.type
_entity.pdbx_description
1 polymer 'Phytochrome B'
2 polymer 'Phytochrome-interacting factor 6'
3 non-polymer '3-[5-[[(3~{R},4~{R})-3-ethyl-4-methyl-5-oxidanylidene-3,4-dihydropyrrol-2-yl]methyl]-2-[[5-[(4-ethyl-3-methyl-5-oxidanylidene-pyrrol-2-yl)methyl]-3-(3-hydroxy-3-oxopropyl)-4-methyl-1~{H}-pyrrol-2-yl]methyl]-4-methyl-1~{H}-pyrrol-3-yl]propanoic acid'
#
loop_
_entity_poly.entity_id
_entity_poly.type
_entity_poly.pdbx_seq_one_letter_code
_entity_poly.pdbx_strand_id
1 'polypeptide(L)'
;GPLGSMVSGVGGSGGGRGGGRGGEEEPSSSHTPNNRRGGEQAQSSGTKSLRPRSNTESMSKAIQQYTVDARLHAVFEQSG
ESGKSFDYSQSLKTTTYGSSVPEQQITAYLSRIQRGGYIQPFGCMIAVDESSFRIIGYSENAREMLGIMPQSVPTLEKPE
ILAMGTDVRSLFTSSSSILLERAFVAREITLLNPVWIHSKNTGKPFYAILHRIDVGVVIDLEPARTEDPALSIAGAVQSQ
KLAVRAISQLQALPGGDIKLLCDTVVESVRDLTGYDRVMVHKFHEDEHGEVVAESKRDDLEPYIGLHYPATDIPQASRFL
FKQNRVRMIVDCNATPVLVVQDDRLTQSMCLVGSTLRAPHGCHSQYMANMGSIASLAMAVIINGNEDDGSNVASGRSSMR
LWGLVVCHHTSSRCIPFPLRYACEFLMQAFGLQLNMELQLALQMSEKRVLRTQTLLCDMLLRDSPAGIVTQSPSIMDLVK
CDGAAFLYHGKYYPLGVAPSEVQIKDVVEWLLANHADSTGLSTDSLGDAGYPGAAALGDAVCGMAVAYITKRDFLFWFRS
HTAKEIKWGGAKHHPEDKDDGQRMHPRSSFQAFLEVVKSRSQPWETAEMDAIHSLQLILRDSFKESEAAMNSKVVDGVVQ
PCRDMAGEQGIDELGAVAREMVRLIETATVPIFAVDAGGCINGWNAKIAELTGLSVEEAMGKSLVSDLIYKENEATVNKL
LSRALRGDEEKNVEVKLKTFSPELQGKAVFVVVNACSSKDYLNNIVGVCFVGQDVTSQKIVMDKFINIQGDYKAIVHSPN
PLIPPIFAADENTCCLEWNMAMEKLTGWSRSEVIGKMIVGEVFGSCCMLKGPDALTKFMIVLHNAIGGQDTDKFPFPFFD
RNGKFVQALLTANKRVSLEGKVIGAFCFLQIPS
;
B,A
2 'polypeptide(L)'
;GPLGSMMFLPTDYCCRLSDQEYMELVFENGQILAKGQRSNVSLHNQRTKSIMDLYEAEYNEDFMKSIIHGGGGAITNLGD
TQVVPQSHVAAAHETNMLESNKHVD
;
C
#
loop_
_chem_comp.id
_chem_comp.type
_chem_comp.name
_chem_comp.formula
O6E non-polymer '3-[5-[[(3~{R},4~{R})-3-ethyl-4-methyl-5-oxidanylidene-3,4-dihydropyrrol-2-yl]methyl]-2-[[5-[(4-ethyl-3-methyl-5-oxidanylidene-pyrrol-2-yl)methyl]-3-(3-hydroxy-3-oxopropyl)-4-methyl-1~{H}-pyrrol-2-yl]methyl]-4-methyl-1~{H}-pyrrol-3-yl]propanoic acid' 'C33 H38 N4 O6'
#
# COMPACT_ATOMS: atom_id res chain seq x y z
N SER A 58 -17.03 21.86 -14.05
CA SER A 58 -16.65 22.81 -15.10
C SER A 58 -15.28 23.43 -14.80
N MET A 59 -15.11 23.91 -13.57
CA MET A 59 -13.84 24.52 -13.18
C MET A 59 -12.70 23.50 -13.13
N SER A 60 -13.02 22.22 -13.06
CA SER A 60 -11.98 21.20 -13.04
C SER A 60 -11.26 21.14 -14.39
N LYS A 61 -9.97 20.76 -14.34
CA LYS A 61 -9.17 20.72 -15.56
C LYS A 61 -9.64 19.62 -16.50
N ALA A 62 -10.12 18.50 -15.97
CA ALA A 62 -10.57 17.41 -16.83
C ALA A 62 -11.78 17.80 -17.67
N ILE A 63 -12.72 18.55 -17.09
CA ILE A 63 -13.92 18.94 -17.80
C ILE A 63 -13.57 19.80 -19.02
N GLN A 64 -12.67 20.77 -18.84
CA GLN A 64 -12.21 21.57 -19.96
C GLN A 64 -11.38 20.72 -20.93
N GLN A 65 -10.60 19.78 -20.40
CA GLN A 65 -9.69 19.01 -21.25
C GLN A 65 -10.44 18.04 -22.16
N TYR A 66 -11.64 17.63 -21.77
CA TYR A 66 -12.40 16.67 -22.58
C TYR A 66 -12.69 17.24 -23.96
N THR A 67 -13.12 18.50 -24.02
CA THR A 67 -13.41 19.14 -25.31
C THR A 67 -12.16 19.29 -26.16
N VAL A 68 -11.04 19.65 -25.53
CA VAL A 68 -9.78 19.77 -26.26
C VAL A 68 -9.36 18.43 -26.83
N ASP A 69 -9.51 17.36 -26.05
CA ASP A 69 -9.17 16.03 -26.54
C ASP A 69 -10.06 15.64 -27.72
N ALA A 70 -11.36 15.92 -27.61
CA ALA A 70 -12.27 15.61 -28.72
C ALA A 70 -11.90 16.39 -29.97
N ARG A 71 -11.58 17.67 -29.83
CA ARG A 71 -11.19 18.48 -30.98
C ARG A 71 -9.91 17.97 -31.60
N LEU A 72 -8.92 17.59 -30.78
CA LEU A 72 -7.67 17.06 -31.31
C LEU A 72 -7.90 15.74 -32.06
N HIS A 73 -8.74 14.87 -31.50
CA HIS A 73 -9.05 13.62 -32.18
C HIS A 73 -9.75 13.86 -33.51
N ALA A 74 -10.68 14.82 -33.53
CA ALA A 74 -11.37 15.13 -34.79
C ALA A 74 -10.39 15.69 -35.82
N VAL A 75 -9.48 16.56 -35.39
CA VAL A 75 -8.50 17.12 -36.32
C VAL A 75 -7.59 16.02 -36.87
N PHE A 76 -7.16 15.10 -36.00
CA PHE A 76 -6.33 14.00 -36.47
C PHE A 76 -7.06 13.13 -37.47
N GLU A 77 -8.33 12.81 -37.20
CA GLU A 77 -9.10 12.00 -38.15
C GLU A 77 -9.28 12.72 -39.48
N GLN A 78 -9.56 14.03 -39.42
CA GLN A 78 -9.73 14.81 -40.64
C GLN A 78 -8.45 14.85 -41.46
N SER A 79 -7.31 15.03 -40.80
CA SER A 79 -6.04 15.02 -41.50
C SER A 79 -5.74 13.65 -42.09
N GLY A 80 -6.05 12.58 -41.35
CA GLY A 80 -5.78 11.24 -41.84
C GLY A 80 -6.63 10.86 -43.04
N GLU A 81 -7.92 11.20 -43.01
CA GLU A 81 -8.80 10.82 -44.11
C GLU A 81 -8.47 11.53 -45.41
N SER A 82 -7.82 12.68 -45.35
CA SER A 82 -7.41 13.43 -46.53
C SER A 82 -5.96 13.17 -46.93
N GLY A 83 -5.28 12.25 -46.24
CA GLY A 83 -3.93 11.87 -46.61
C GLY A 83 -2.86 12.93 -46.42
N LYS A 84 -2.92 13.67 -45.32
CA LYS A 84 -1.86 14.62 -44.98
C LYS A 84 -1.11 14.15 -43.73
N SER A 85 -0.17 14.96 -43.26
CA SER A 85 0.58 14.67 -42.05
C SER A 85 0.04 15.53 -40.91
N PHE A 86 -0.23 14.90 -39.78
CA PHE A 86 -0.80 15.61 -38.63
C PHE A 86 0.26 16.53 -38.03
N ASP A 87 0.01 17.84 -38.08
CA ASP A 87 0.93 18.82 -37.52
C ASP A 87 0.66 18.97 -36.03
N TYR A 88 1.66 18.62 -35.21
CA TYR A 88 1.46 18.57 -33.77
C TYR A 88 1.43 19.98 -33.17
N SER A 89 2.51 20.73 -33.36
CA SER A 89 2.63 22.05 -32.72
C SER A 89 1.55 23.00 -33.19
N GLN A 90 1.27 23.01 -34.50
CA GLN A 90 0.25 23.92 -35.04
C GLN A 90 -1.13 23.59 -34.48
N SER A 91 -1.47 22.30 -34.42
CA SER A 91 -2.76 21.90 -33.86
C SER A 91 -2.86 22.27 -32.38
N LEU A 92 -1.77 22.08 -31.65
CA LEU A 92 -1.78 22.40 -30.20
C LEU A 92 -2.00 23.91 -30.04
N LYS A 93 -1.29 24.71 -30.84
CA LYS A 93 -1.38 26.16 -30.69
C LYS A 93 -2.71 26.71 -31.17
N THR A 94 -3.34 26.05 -32.15
CA THR A 94 -4.59 26.55 -32.71
C THR A 94 -5.71 26.53 -31.68
N THR A 95 -5.90 25.40 -31.00
CA THR A 95 -6.96 25.26 -30.03
C THR A 95 -6.51 25.78 -28.67
N THR A 96 -7.48 26.23 -27.88
CA THR A 96 -7.20 26.75 -26.55
C THR A 96 -7.66 25.76 -25.48
N SER A 100 -16.79 25.32 -26.27
CA SER A 100 -17.49 25.65 -27.51
C SER A 100 -17.51 24.47 -28.47
N VAL A 101 -17.86 23.30 -27.95
CA VAL A 101 -17.93 22.07 -28.73
C VAL A 101 -19.30 21.46 -28.52
N PRO A 102 -20.03 21.11 -29.58
CA PRO A 102 -21.38 20.57 -29.41
C PRO A 102 -21.36 19.15 -28.87
N GLU A 103 -22.56 18.68 -28.52
CA GLU A 103 -22.71 17.34 -27.95
C GLU A 103 -22.32 16.24 -28.93
N GLN A 104 -22.61 16.45 -30.22
CA GLN A 104 -22.36 15.40 -31.20
C GLN A 104 -20.87 15.07 -31.29
N GLN A 105 -20.01 16.08 -31.25
CA GLN A 105 -18.57 15.83 -31.34
C GLN A 105 -18.09 15.00 -30.16
N ILE A 106 -18.50 15.34 -28.94
CA ILE A 106 -18.08 14.58 -27.77
C ILE A 106 -18.62 13.16 -27.82
N THR A 107 -19.89 13.00 -28.22
CA THR A 107 -20.47 11.67 -28.32
C THR A 107 -19.71 10.82 -29.33
N ALA A 108 -19.39 11.38 -30.50
CA ALA A 108 -18.64 10.63 -31.50
C ALA A 108 -17.25 10.28 -30.98
N TYR A 109 -16.59 11.22 -30.31
CA TYR A 109 -15.25 10.95 -29.77
C TYR A 109 -15.29 9.79 -28.78
N LEU A 110 -16.24 9.82 -27.84
CA LEU A 110 -16.31 8.76 -26.83
C LEU A 110 -16.66 7.42 -27.47
N SER A 111 -17.62 7.43 -28.41
CA SER A 111 -18.02 6.17 -29.06
C SER A 111 -16.86 5.57 -29.84
N ARG A 112 -16.10 6.41 -30.56
CA ARG A 112 -14.95 5.91 -31.30
C ARG A 112 -13.87 5.38 -30.36
N ILE A 113 -13.63 6.08 -29.24
CA ILE A 113 -12.58 5.66 -28.32
C ILE A 113 -12.92 4.32 -27.70
N GLN A 114 -14.18 4.15 -27.24
CA GLN A 114 -14.52 2.93 -26.51
C GLN A 114 -14.98 1.81 -27.43
N ARG A 115 -15.85 2.11 -28.39
CA ARG A 115 -16.39 1.11 -29.32
C ARG A 115 -15.73 1.33 -30.67
N GLY A 116 -14.61 0.65 -30.89
CA GLY A 116 -13.86 0.81 -32.13
C GLY A 116 -13.95 -0.37 -33.05
N GLY A 117 -14.26 -1.55 -32.51
CA GLY A 117 -14.33 -2.75 -33.32
C GLY A 117 -13.00 -3.15 -33.92
N TYR A 118 -11.95 -3.11 -33.12
CA TYR A 118 -10.61 -3.47 -33.57
C TYR A 118 -9.84 -4.05 -32.39
N ILE A 119 -9.17 -5.18 -32.61
CA ILE A 119 -8.40 -5.85 -31.57
C ILE A 119 -7.00 -6.11 -32.07
N GLN A 120 -6.09 -6.33 -31.12
CA GLN A 120 -4.71 -6.64 -31.46
C GLN A 120 -4.62 -8.04 -32.05
N PRO A 121 -3.71 -8.25 -33.02
CA PRO A 121 -3.63 -9.54 -33.73
C PRO A 121 -2.78 -10.58 -33.01
N PHE A 122 -3.00 -10.75 -31.71
CA PHE A 122 -2.35 -11.81 -30.95
C PHE A 122 -3.33 -12.57 -30.06
N GLY A 123 -4.64 -12.29 -30.18
CA GLY A 123 -5.63 -13.01 -29.41
C GLY A 123 -7.00 -12.79 -30.01
N CYS A 124 -7.78 -13.86 -30.06
CA CYS A 124 -9.12 -13.83 -30.63
C CYS A 124 -10.15 -13.56 -29.54
N MET A 125 -11.29 -13.01 -29.96
CA MET A 125 -12.37 -12.66 -29.06
C MET A 125 -13.65 -13.32 -29.53
N ILE A 126 -14.35 -13.97 -28.61
CA ILE A 126 -15.64 -14.60 -28.89
C ILE A 126 -16.62 -14.18 -27.80
N ALA A 127 -17.74 -13.58 -28.21
CA ALA A 127 -18.78 -13.13 -27.29
C ALA A 127 -20.04 -13.94 -27.52
N VAL A 128 -20.62 -14.46 -26.44
CA VAL A 128 -21.84 -15.26 -26.49
C VAL A 128 -22.86 -14.68 -25.53
N ASP A 129 -24.09 -15.17 -25.64
CA ASP A 129 -25.18 -14.75 -24.77
C ASP A 129 -25.27 -15.67 -23.55
N GLU A 130 -25.72 -15.10 -22.43
CA GLU A 130 -25.81 -15.85 -21.18
C GLU A 130 -26.94 -16.87 -21.19
N SER A 131 -27.87 -16.79 -22.14
CA SER A 131 -29.06 -17.62 -22.09
C SER A 131 -28.77 -19.05 -22.56
N SER A 132 -28.31 -19.20 -23.81
CA SER A 132 -28.13 -20.52 -24.39
C SER A 132 -26.75 -20.70 -25.03
N PHE A 133 -25.75 -19.92 -24.60
CA PHE A 133 -24.39 -20.02 -25.10
C PHE A 133 -24.34 -19.89 -26.62
N ARG A 134 -25.10 -18.93 -27.14
CA ARG A 134 -25.18 -18.68 -28.58
C ARG A 134 -24.25 -17.54 -28.95
N ILE A 135 -23.44 -17.76 -29.99
CA ILE A 135 -22.45 -16.76 -30.40
C ILE A 135 -23.17 -15.55 -31.00
N ILE A 136 -22.81 -14.36 -30.53
CA ILE A 136 -23.36 -13.11 -31.02
C ILE A 136 -22.27 -12.17 -31.50
N GLY A 137 -21.09 -12.68 -31.79
CA GLY A 137 -19.99 -11.86 -32.25
C GLY A 137 -18.65 -12.56 -32.12
N TYR A 138 -17.71 -12.26 -33.01
CA TYR A 138 -16.41 -12.90 -32.99
C TYR A 138 -15.44 -12.07 -33.81
N SER A 139 -14.19 -12.53 -33.85
CA SER A 139 -13.14 -11.87 -34.62
C SER A 139 -12.78 -12.71 -35.84
N GLU A 140 -12.25 -12.04 -36.87
CA GLU A 140 -11.94 -12.72 -38.12
C GLU A 140 -10.84 -13.76 -37.93
N ASN A 141 -9.83 -13.45 -37.13
CA ASN A 141 -8.73 -14.38 -36.91
C ASN A 141 -9.10 -15.54 -36.01
N ALA A 142 -10.30 -15.53 -35.41
CA ALA A 142 -10.69 -16.61 -34.53
C ALA A 142 -10.79 -17.94 -35.28
N ARG A 143 -11.27 -17.89 -36.52
CA ARG A 143 -11.38 -19.12 -37.32
C ARG A 143 -10.01 -19.73 -37.56
N GLU A 144 -9.01 -18.91 -37.86
CA GLU A 144 -7.67 -19.43 -38.15
C GLU A 144 -6.96 -19.87 -36.88
N MET A 145 -7.12 -19.12 -35.79
CA MET A 145 -6.35 -19.37 -34.57
C MET A 145 -6.67 -20.73 -33.97
N LEU A 146 -7.95 -21.11 -33.97
CA LEU A 146 -8.35 -22.37 -33.36
C LEU A 146 -8.01 -23.58 -34.22
N GLY A 147 -7.50 -23.39 -35.43
CA GLY A 147 -7.37 -24.50 -36.36
C GLY A 147 -8.69 -24.91 -36.97
N ILE A 148 -9.70 -24.04 -36.89
CA ILE A 148 -11.03 -24.37 -37.37
C ILE A 148 -11.02 -24.56 -38.88
N MET A 149 -10.31 -23.69 -39.60
CA MET A 149 -10.30 -23.75 -41.06
C MET A 149 -9.65 -25.05 -41.52
N PRO A 150 -10.26 -25.77 -42.47
CA PRO A 150 -9.73 -27.04 -42.98
C PRO A 150 -8.44 -26.86 -43.78
N GLU A 160 -21.59 -24.90 -41.46
CA GLU A 160 -20.50 -24.10 -40.93
C GLU A 160 -20.32 -24.37 -39.44
N ILE A 161 -19.06 -24.54 -39.02
CA ILE A 161 -18.77 -24.85 -37.62
C ILE A 161 -18.48 -23.60 -36.80
N LEU A 162 -17.95 -22.53 -37.40
CA LEU A 162 -17.84 -21.24 -36.74
C LEU A 162 -18.73 -20.25 -37.49
N ALA A 163 -20.01 -20.24 -37.12
CA ALA A 163 -20.97 -19.31 -37.70
C ALA A 163 -21.81 -18.73 -36.57
N MET A 164 -22.26 -17.50 -36.76
CA MET A 164 -23.04 -16.83 -35.72
C MET A 164 -24.34 -17.57 -35.48
N GLY A 165 -24.66 -17.79 -34.21
CA GLY A 165 -25.79 -18.59 -33.81
C GLY A 165 -25.47 -20.01 -33.39
N THR A 166 -24.20 -20.39 -33.39
CA THR A 166 -23.81 -21.74 -33.00
C THR A 166 -23.65 -21.79 -31.47
N ASP A 167 -23.18 -22.93 -30.98
CA ASP A 167 -22.95 -23.13 -29.54
C ASP A 167 -21.47 -23.03 -29.25
N VAL A 168 -21.11 -22.18 -28.29
CA VAL A 168 -19.71 -21.96 -27.96
C VAL A 168 -19.08 -23.19 -27.31
N ARG A 169 -19.88 -24.07 -26.72
CA ARG A 169 -19.33 -25.25 -26.05
C ARG A 169 -18.84 -26.31 -27.03
N SER A 170 -19.12 -26.16 -28.31
CA SER A 170 -18.72 -27.14 -29.32
C SER A 170 -17.38 -26.81 -29.96
N LEU A 171 -16.70 -25.75 -29.52
CA LEU A 171 -15.41 -25.38 -30.07
C LEU A 171 -14.23 -25.88 -29.25
N PHE A 172 -14.46 -26.26 -28.00
CA PHE A 172 -13.40 -26.75 -27.12
C PHE A 172 -13.68 -28.19 -26.73
N THR A 173 -12.77 -28.77 -25.96
CA THR A 173 -12.94 -30.13 -25.47
C THR A 173 -14.10 -30.19 -24.48
N SER A 174 -14.61 -31.40 -24.25
CA SER A 174 -15.76 -31.57 -23.39
C SER A 174 -15.48 -31.08 -21.97
N SER A 175 -14.31 -31.43 -21.42
CA SER A 175 -13.96 -30.96 -20.08
C SER A 175 -13.83 -29.44 -20.06
N SER A 176 -13.23 -28.87 -21.11
CA SER A 176 -13.16 -27.41 -21.22
C SER A 176 -14.56 -26.81 -21.30
N SER A 177 -15.48 -27.48 -22.00
CA SER A 177 -16.85 -27.00 -22.07
C SER A 177 -17.52 -27.01 -20.71
N ILE A 178 -17.31 -28.06 -19.93
CA ILE A 178 -17.88 -28.12 -18.58
C ILE A 178 -17.31 -27.02 -17.71
N LEU A 179 -15.99 -26.80 -17.79
CA LEU A 179 -15.37 -25.74 -17.00
C LEU A 179 -15.91 -24.37 -17.40
N LEU A 180 -16.09 -24.13 -18.70
CA LEU A 180 -16.65 -22.86 -19.15
C LEU A 180 -18.08 -22.69 -18.66
N GLU A 181 -18.88 -23.76 -18.71
CA GLU A 181 -20.25 -23.68 -18.23
C GLU A 181 -20.30 -23.38 -16.73
N ARG A 182 -19.40 -24.00 -15.96
CA ARG A 182 -19.32 -23.69 -14.54
C ARG A 182 -18.92 -22.24 -14.30
N ALA A 183 -17.97 -21.74 -15.10
CA ALA A 183 -17.55 -20.34 -14.96
C ALA A 183 -18.63 -19.36 -15.42
N PHE A 184 -19.59 -19.82 -16.23
CA PHE A 184 -20.60 -18.91 -16.75
C PHE A 184 -21.69 -18.63 -15.71
N VAL A 185 -22.41 -19.67 -15.30
CA VAL A 185 -23.41 -19.50 -14.25
C VAL A 185 -22.68 -19.27 -12.93
N ALA A 186 -22.75 -18.05 -12.43
CA ALA A 186 -21.90 -17.64 -11.31
C ALA A 186 -22.64 -16.60 -10.49
N ARG A 187 -21.89 -15.87 -9.68
CA ARG A 187 -22.45 -14.91 -8.73
C ARG A 187 -21.54 -13.68 -8.77
N GLU A 188 -21.62 -12.84 -7.73
CA GLU A 188 -20.81 -11.63 -7.69
C GLU A 188 -19.33 -11.93 -7.87
N ILE A 189 -18.85 -13.07 -7.35
CA ILE A 189 -17.47 -13.49 -7.52
C ILE A 189 -17.45 -14.95 -7.95
N THR A 190 -16.65 -15.27 -8.96
CA THR A 190 -16.45 -16.63 -9.42
C THR A 190 -14.98 -17.01 -9.24
N LEU A 191 -14.74 -18.30 -9.01
CA LEU A 191 -13.41 -18.79 -8.69
C LEU A 191 -12.71 -19.43 -9.89
N LEU A 192 -13.23 -19.23 -11.10
CA LEU A 192 -12.58 -19.71 -12.32
C LEU A 192 -12.44 -18.51 -13.26
N ASN A 193 -11.38 -17.73 -13.05
CA ASN A 193 -11.10 -16.54 -13.85
C ASN A 193 -9.63 -16.16 -13.72
N PRO A 194 -8.77 -16.54 -14.68
CA PRO A 194 -9.05 -17.20 -15.96
C PRO A 194 -9.17 -18.72 -15.86
N VAL A 195 -9.46 -19.36 -16.99
CA VAL A 195 -9.57 -20.81 -17.06
C VAL A 195 -8.57 -21.32 -18.09
N TRP A 196 -8.09 -22.55 -17.89
CA TRP A 196 -7.15 -23.19 -18.78
C TRP A 196 -7.90 -24.22 -19.62
N ILE A 197 -8.03 -23.95 -20.93
CA ILE A 197 -8.84 -24.77 -21.81
C ILE A 197 -8.03 -25.16 -23.04
N HIS A 198 -8.50 -26.19 -23.72
CA HIS A 198 -7.85 -26.73 -24.92
C HIS A 198 -8.82 -26.65 -26.09
N SER A 199 -8.28 -26.39 -27.28
CA SER A 199 -9.09 -26.37 -28.48
C SER A 199 -9.50 -27.78 -28.87
N LYS A 200 -10.69 -27.90 -29.48
CA LYS A 200 -11.22 -29.20 -29.84
C LYS A 200 -10.38 -29.87 -30.92
N ASN A 201 -9.93 -29.12 -31.92
CA ASN A 201 -9.30 -29.71 -33.09
C ASN A 201 -7.84 -30.06 -32.82
N THR A 202 -7.01 -29.06 -32.54
CA THR A 202 -5.58 -29.26 -32.40
C THR A 202 -5.10 -29.33 -30.97
N GLY A 203 -5.96 -29.03 -29.99
CA GLY A 203 -5.54 -29.08 -28.60
C GLY A 203 -4.63 -27.96 -28.16
N LYS A 204 -4.71 -26.80 -28.78
CA LYS A 204 -3.87 -25.67 -28.39
C LYS A 204 -4.35 -25.10 -27.07
N PRO A 205 -3.48 -24.96 -26.07
CA PRO A 205 -3.90 -24.36 -24.80
C PRO A 205 -4.21 -22.88 -24.97
N PHE A 206 -5.16 -22.41 -24.16
CA PHE A 206 -5.61 -21.03 -24.23
C PHE A 206 -5.90 -20.49 -22.84
N TYR A 207 -5.48 -19.25 -22.59
CA TYR A 207 -5.80 -18.55 -21.36
C TYR A 207 -7.08 -17.75 -21.59
N ALA A 208 -8.21 -18.26 -21.13
CA ALA A 208 -9.52 -17.67 -21.38
C ALA A 208 -9.88 -16.74 -20.24
N ILE A 209 -10.04 -15.45 -20.55
CA ILE A 209 -10.42 -14.44 -19.57
C ILE A 209 -11.86 -14.03 -19.88
N LEU A 210 -12.73 -14.12 -18.87
CA LEU A 210 -14.16 -13.88 -19.05
C LEU A 210 -14.54 -12.59 -18.32
N HIS A 211 -15.23 -11.70 -19.04
CA HIS A 211 -15.82 -10.51 -18.44
C HIS A 211 -17.16 -10.25 -19.11
N ARG A 212 -18.05 -9.58 -18.39
CA ARG A 212 -19.44 -9.43 -18.80
C ARG A 212 -19.70 -8.04 -19.36
N ILE A 213 -20.51 -7.98 -20.41
CA ILE A 213 -20.92 -6.71 -21.00
C ILE A 213 -22.43 -6.60 -20.93
N ASP A 214 -22.99 -5.50 -21.46
CA ASP A 214 -24.41 -5.25 -21.34
C ASP A 214 -25.25 -6.24 -22.13
N VAL A 215 -24.68 -6.89 -23.14
CA VAL A 215 -25.44 -7.81 -23.99
C VAL A 215 -24.97 -9.26 -23.87
N GLY A 216 -23.90 -9.53 -23.13
CA GLY A 216 -23.44 -10.90 -23.04
C GLY A 216 -22.13 -11.02 -22.28
N VAL A 217 -21.43 -12.13 -22.52
CA VAL A 217 -20.15 -12.41 -21.90
C VAL A 217 -19.09 -12.46 -23.00
N VAL A 218 -18.00 -11.74 -22.79
CA VAL A 218 -16.93 -11.63 -23.78
C VAL A 218 -15.75 -12.48 -23.32
N ILE A 219 -15.32 -13.40 -24.17
CA ILE A 219 -14.24 -14.33 -23.85
C ILE A 219 -13.01 -13.92 -24.64
N ASP A 220 -11.95 -13.56 -23.93
CA ASP A 220 -10.67 -13.23 -24.55
C ASP A 220 -9.76 -14.46 -24.46
N LEU A 221 -9.29 -14.93 -25.60
CA LEU A 221 -8.44 -16.10 -25.68
C LEU A 221 -7.04 -15.69 -26.11
N GLU A 222 -6.04 -16.18 -25.39
CA GLU A 222 -4.65 -15.90 -25.71
C GLU A 222 -3.88 -17.21 -25.84
N PRO A 223 -2.89 -17.26 -26.72
CA PRO A 223 -2.07 -18.46 -26.83
C PRO A 223 -1.26 -18.69 -25.57
N ALA A 224 -1.05 -19.95 -25.24
CA ALA A 224 -0.27 -20.36 -24.09
C ALA A 224 0.85 -21.28 -24.53
N ARG A 225 1.98 -21.19 -23.83
CA ARG A 225 3.13 -22.03 -24.17
C ARG A 225 2.81 -23.49 -23.93
N THR A 226 2.95 -24.30 -24.97
CA THR A 226 2.63 -25.73 -24.89
C THR A 226 3.83 -26.45 -24.28
N GLU A 227 3.66 -26.91 -23.04
CA GLU A 227 4.72 -27.59 -22.31
C GLU A 227 4.08 -28.40 -21.19
N ASP A 228 4.91 -28.98 -20.34
CA ASP A 228 4.41 -29.67 -19.17
C ASP A 228 3.75 -28.68 -18.22
N PRO A 229 2.59 -29.00 -17.65
CA PRO A 229 1.94 -28.06 -16.71
C PRO A 229 2.81 -27.72 -15.52
N ALA A 230 3.66 -28.65 -15.08
CA ALA A 230 4.56 -28.37 -13.97
C ALA A 230 5.46 -27.17 -14.28
N LEU A 231 5.89 -27.05 -15.53
CA LEU A 231 6.71 -25.89 -15.91
C LEU A 231 5.92 -24.60 -15.81
N SER A 232 4.64 -24.62 -16.19
CA SER A 232 3.81 -23.43 -16.06
C SER A 232 3.64 -23.04 -14.60
N ILE A 233 3.38 -24.03 -13.73
CA ILE A 233 3.25 -23.74 -12.30
C ILE A 233 4.56 -23.19 -11.76
N ALA A 234 5.68 -23.76 -12.17
CA ALA A 234 6.98 -23.29 -11.71
C ALA A 234 7.23 -21.85 -12.14
N GLY A 235 6.89 -21.51 -13.38
CA GLY A 235 7.05 -20.14 -13.83
C GLY A 235 6.17 -19.18 -13.06
N ALA A 236 4.92 -19.55 -12.81
CA ALA A 236 4.02 -18.69 -12.05
C ALA A 236 4.54 -18.45 -10.64
N VAL A 237 4.95 -19.53 -9.95
CA VAL A 237 5.42 -19.36 -8.59
C VAL A 237 6.75 -18.61 -8.55
N GLN A 238 7.61 -18.78 -9.57
CA GLN A 238 8.85 -18.02 -9.61
C GLN A 238 8.57 -16.54 -9.78
N SER A 239 7.62 -16.18 -10.65
CA SER A 239 7.27 -14.78 -10.81
C SER A 239 6.71 -14.20 -9.52
N GLN A 240 5.84 -14.96 -8.85
CA GLN A 240 5.26 -14.46 -7.60
C GLN A 240 6.32 -14.31 -6.51
N LYS A 241 7.25 -15.26 -6.43
CA LYS A 241 8.34 -15.14 -5.45
C LYS A 241 9.23 -13.96 -5.77
N LEU A 242 9.47 -13.67 -7.05
CA LEU A 242 10.21 -12.48 -7.42
C LEU A 242 9.48 -11.22 -6.95
N ALA A 243 8.16 -11.18 -7.13
CA ALA A 243 7.39 -10.03 -6.66
C ALA A 243 7.47 -9.89 -5.14
N VAL A 244 7.38 -11.02 -4.42
CA VAL A 244 7.45 -10.99 -2.96
C VAL A 244 8.81 -10.51 -2.50
N ARG A 245 9.89 -10.97 -3.14
CA ARG A 245 11.22 -10.51 -2.80
C ARG A 245 11.38 -9.03 -3.09
N ALA A 246 10.79 -8.56 -4.19
CA ALA A 246 10.83 -7.13 -4.50
C ALA A 246 10.14 -6.31 -3.42
N ILE A 247 8.97 -6.78 -2.97
CA ILE A 247 8.26 -6.08 -1.89
C ILE A 247 9.10 -6.08 -0.62
N SER A 248 9.71 -7.22 -0.29
CA SER A 248 10.51 -7.31 0.93
C SER A 248 11.71 -6.36 0.86
N GLN A 249 12.36 -6.28 -0.30
CA GLN A 249 13.47 -5.34 -0.46
C GLN A 249 12.98 -3.91 -0.37
N LEU A 250 11.77 -3.64 -0.86
CA LEU A 250 11.18 -2.31 -0.71
C LEU A 250 10.94 -1.96 0.75
N GLN A 251 10.52 -2.93 1.55
CA GLN A 251 10.24 -2.67 2.96
C GLN A 251 11.49 -2.22 3.71
N ALA A 252 12.62 -2.89 3.49
CA ALA A 252 13.85 -2.60 4.22
C ALA A 252 14.55 -1.39 3.59
N LEU A 253 13.92 -0.22 3.76
CA LEU A 253 14.43 1.02 3.23
C LEU A 253 14.27 2.14 4.25
N PRO A 254 15.26 3.02 4.36
CA PRO A 254 15.12 4.17 5.27
C PRO A 254 14.13 5.18 4.70
N GLY A 255 13.11 5.50 5.49
CA GLY A 255 12.07 6.40 5.03
C GLY A 255 12.50 7.85 5.03
N GLY A 256 11.60 8.70 4.55
CA GLY A 256 11.84 10.13 4.49
C GLY A 256 12.18 10.69 3.13
N ASP A 257 12.36 9.84 2.11
CA ASP A 257 12.64 10.29 0.76
C ASP A 257 11.79 9.52 -0.22
N ILE A 258 11.55 10.13 -1.39
CA ILE A 258 10.73 9.54 -2.42
C ILE A 258 11.55 9.10 -3.62
N LYS A 259 12.61 9.86 -3.95
CA LYS A 259 13.42 9.55 -5.13
C LYS A 259 14.05 8.17 -5.03
N LEU A 260 14.57 7.82 -3.84
CA LEU A 260 15.16 6.50 -3.66
C LEU A 260 14.13 5.40 -3.83
N LEU A 261 12.92 5.62 -3.32
CA LEU A 261 11.85 4.63 -3.49
C LEU A 261 11.53 4.44 -4.97
N CYS A 262 11.43 5.54 -5.72
CA CYS A 262 11.13 5.44 -7.14
C CYS A 262 12.24 4.71 -7.89
N ASP A 263 13.50 5.02 -7.56
CA ASP A 263 14.62 4.35 -8.23
C ASP A 263 14.61 2.84 -7.93
N THR A 264 14.37 2.48 -6.68
CA THR A 264 14.32 1.06 -6.32
C THR A 264 13.19 0.36 -7.05
N VAL A 265 12.02 0.99 -7.12
CA VAL A 265 10.88 0.38 -7.80
C VAL A 265 11.18 0.21 -9.28
N VAL A 266 11.79 1.23 -9.91
CA VAL A 266 12.12 1.14 -11.32
C VAL A 266 13.09 0.00 -11.58
N GLU A 267 14.15 -0.09 -10.78
CA GLU A 267 15.14 -1.15 -10.97
C GLU A 267 14.51 -2.53 -10.77
N SER A 268 13.69 -2.68 -9.74
CA SER A 268 13.06 -3.97 -9.47
C SER A 268 12.10 -4.36 -10.58
N VAL A 269 11.33 -3.41 -11.10
CA VAL A 269 10.40 -3.71 -12.18
C VAL A 269 11.16 -4.08 -13.45
N ARG A 270 12.24 -3.37 -13.75
CA ARG A 270 13.04 -3.71 -14.93
C ARG A 270 13.64 -5.11 -14.80
N ASP A 271 14.10 -5.48 -13.61
CA ASP A 271 14.60 -6.84 -13.40
C ASP A 271 13.47 -7.85 -13.56
N LEU A 272 12.30 -7.56 -13.02
CA LEU A 272 11.20 -8.52 -13.01
C LEU A 272 10.68 -8.78 -14.43
N THR A 273 10.40 -7.71 -15.18
CA THR A 273 9.78 -7.88 -16.49
C THR A 273 10.82 -8.24 -17.55
N GLY A 274 11.78 -7.36 -17.78
CA GLY A 274 12.81 -7.61 -18.77
C GLY A 274 12.64 -6.78 -20.03
N TYR A 275 12.08 -5.58 -19.88
CA TYR A 275 11.93 -4.67 -21.00
C TYR A 275 13.26 -3.95 -21.26
N ASP A 276 13.26 -2.99 -22.18
CA ASP A 276 14.47 -2.26 -22.53
C ASP A 276 14.54 -0.88 -21.89
N ARG A 277 13.44 -0.37 -21.35
CA ARG A 277 13.45 0.92 -20.68
C ARG A 277 12.21 1.01 -19.81
N VAL A 278 12.40 1.32 -18.52
CA VAL A 278 11.32 1.46 -17.56
C VAL A 278 11.36 2.88 -17.02
N MET A 279 10.21 3.56 -17.05
CA MET A 279 10.11 4.96 -16.68
C MET A 279 8.95 5.15 -15.72
N VAL A 280 9.06 6.20 -14.90
CA VAL A 280 8.01 6.57 -13.94
C VAL A 280 7.53 7.96 -14.28
N HIS A 281 6.23 8.09 -14.50
CA HIS A 281 5.60 9.37 -14.84
C HIS A 281 4.81 9.87 -13.65
N LYS A 282 5.02 11.14 -13.29
CA LYS A 282 4.32 11.78 -12.18
C LYS A 282 3.45 12.92 -12.72
N PHE A 283 2.19 12.94 -12.31
CA PHE A 283 1.24 13.94 -12.76
C PHE A 283 1.15 15.07 -11.75
N HIS A 284 1.36 16.30 -12.21
CA HIS A 284 1.32 17.47 -11.35
C HIS A 284 -0.12 17.93 -11.17
N GLU A 285 -0.31 19.11 -10.58
CA GLU A 285 -1.64 19.67 -10.44
C GLU A 285 -2.18 20.20 -11.76
N ASP A 286 -1.31 20.55 -12.70
CA ASP A 286 -1.72 20.98 -14.03
C ASP A 286 -2.04 19.82 -14.95
N GLU A 287 -2.06 18.59 -14.42
CA GLU A 287 -2.38 17.35 -15.13
C GLU A 287 -1.34 16.98 -16.19
N HIS A 288 -0.24 17.70 -16.27
CA HIS A 288 0.84 17.34 -17.17
C HIS A 288 1.72 16.28 -16.48
N GLY A 289 2.81 15.87 -17.14
CA GLY A 289 3.61 14.76 -16.67
C GLY A 289 5.07 15.14 -16.56
N GLU A 290 5.82 14.23 -15.93
CA GLU A 290 7.25 14.42 -15.73
C GLU A 290 7.88 13.08 -15.38
N VAL A 291 9.09 12.85 -15.87
CA VAL A 291 9.83 11.62 -15.58
C VAL A 291 10.82 11.88 -14.46
N VAL A 292 10.83 11.00 -13.46
CA VAL A 292 11.67 11.20 -12.29
C VAL A 292 12.66 10.04 -12.15
N ALA A 293 12.30 8.87 -12.66
CA ALA A 293 13.14 7.69 -12.54
C ALA A 293 13.15 6.93 -13.86
N GLU A 294 14.32 6.42 -14.25
CA GLU A 294 14.48 5.74 -15.52
C GLU A 294 15.65 4.76 -15.45
N SER A 295 15.47 3.60 -16.06
CA SER A 295 16.52 2.58 -16.15
C SER A 295 16.67 2.19 -17.62
N LYS A 296 17.69 2.74 -18.28
CA LYS A 296 17.88 2.56 -19.71
C LYS A 296 18.60 1.25 -20.01
N ARG A 297 19.04 1.11 -21.25
CA ARG A 297 19.90 0.00 -21.64
C ARG A 297 21.20 0.54 -22.23
N ASP A 298 21.79 1.52 -21.55
CA ASP A 298 23.07 2.12 -21.90
C ASP A 298 22.99 2.97 -23.18
N ASP A 299 22.91 2.31 -24.34
CA ASP A 299 22.97 3.04 -25.60
C ASP A 299 21.72 3.85 -25.89
N LEU A 300 20.63 3.63 -25.16
CA LEU A 300 19.40 4.39 -25.39
C LEU A 300 19.55 5.82 -24.88
N GLU A 301 18.91 6.75 -25.59
CA GLU A 301 18.98 8.15 -25.22
C GLU A 301 18.22 8.39 -23.92
N PRO A 302 18.74 9.22 -23.02
CA PRO A 302 18.05 9.46 -21.74
C PRO A 302 16.74 10.22 -21.94
N TYR A 303 15.79 9.96 -21.03
CA TYR A 303 14.51 10.64 -21.03
C TYR A 303 14.15 11.21 -19.66
N ILE A 304 15.06 11.14 -18.68
CA ILE A 304 14.76 11.64 -17.35
C ILE A 304 14.73 13.17 -17.35
N GLY A 305 13.83 13.74 -16.57
CA GLY A 305 13.67 15.17 -16.51
C GLY A 305 12.78 15.77 -17.57
N LEU A 306 12.13 14.95 -18.39
CA LEU A 306 11.28 15.44 -19.46
C LEU A 306 9.95 15.96 -18.91
N HIS A 307 9.39 16.96 -19.58
CA HIS A 307 8.08 17.49 -19.26
C HIS A 307 7.27 17.56 -20.55
N TYR A 308 6.05 17.05 -20.52
CA TYR A 308 5.21 17.09 -21.72
C TYR A 308 3.84 17.66 -21.39
N PRO A 309 3.17 18.26 -22.38
CA PRO A 309 1.87 18.89 -22.11
C PRO A 309 0.83 17.87 -21.66
N ALA A 310 -0.17 18.38 -20.93
CA ALA A 310 -1.20 17.53 -20.37
C ALA A 310 -2.07 16.89 -21.44
N THR A 311 -2.18 17.52 -22.61
CA THR A 311 -3.06 17.01 -23.66
C THR A 311 -2.54 15.72 -24.29
N ASP A 312 -1.30 15.32 -24.00
CA ASP A 312 -0.77 14.06 -24.51
C ASP A 312 -1.47 12.84 -23.92
N ILE A 313 -2.22 13.01 -22.84
CA ILE A 313 -2.93 11.92 -22.19
C ILE A 313 -4.42 12.27 -22.18
N PRO A 314 -5.20 11.74 -23.11
CA PRO A 314 -6.65 11.96 -23.07
C PRO A 314 -7.24 11.42 -21.77
N GLN A 315 -8.25 12.14 -21.26
CA GLN A 315 -8.84 11.76 -19.99
C GLN A 315 -9.47 10.38 -20.03
N ALA A 316 -9.93 9.94 -21.21
CA ALA A 316 -10.48 8.60 -21.34
C ALA A 316 -9.43 7.54 -21.04
N SER A 317 -8.19 7.77 -21.48
CA SER A 317 -7.12 6.84 -21.16
C SER A 317 -6.86 6.78 -19.67
N ARG A 318 -6.88 7.93 -18.99
CA ARG A 318 -6.70 7.94 -17.54
C ARG A 318 -7.82 7.20 -16.84
N PHE A 319 -9.06 7.39 -17.28
CA PHE A 319 -10.19 6.67 -16.68
C PHE A 319 -10.04 5.18 -16.90
N LEU A 320 -9.63 4.77 -18.10
CA LEU A 320 -9.41 3.35 -18.37
C LEU A 320 -8.31 2.78 -17.49
N PHE A 321 -7.23 3.53 -17.29
CA PHE A 321 -6.16 3.06 -16.42
C PHE A 321 -6.63 2.95 -14.98
N LYS A 322 -7.48 3.87 -14.54
CA LYS A 322 -8.06 3.76 -13.21
C LYS A 322 -9.02 2.57 -13.12
N GLN A 323 -9.59 2.15 -14.25
CA GLN A 323 -10.51 1.03 -14.24
C GLN A 323 -9.77 -0.30 -14.22
N ASN A 324 -8.96 -0.57 -15.24
CA ASN A 324 -8.10 -1.75 -15.29
C ASN A 324 -6.66 -1.30 -15.10
N ARG A 325 -5.93 -2.01 -14.23
CA ARG A 325 -4.66 -1.51 -13.75
C ARG A 325 -3.56 -1.58 -14.82
N VAL A 326 -3.63 -2.55 -15.72
CA VAL A 326 -2.55 -2.78 -16.66
C VAL A 326 -3.08 -2.65 -18.09
N ARG A 327 -2.17 -2.35 -19.01
CA ARG A 327 -2.50 -2.22 -20.42
C ARG A 327 -1.23 -2.47 -21.23
N MET A 328 -1.28 -3.43 -22.15
CA MET A 328 -0.11 -3.85 -22.89
C MET A 328 -0.37 -3.73 -24.39
N ILE A 329 0.70 -3.44 -25.14
CA ILE A 329 0.65 -3.36 -26.59
C ILE A 329 1.75 -4.26 -27.13
N VAL A 330 1.36 -5.34 -27.80
CA VAL A 330 2.32 -6.33 -28.25
C VAL A 330 3.18 -5.78 -29.38
N ASP A 331 2.55 -5.14 -30.36
CA ASP A 331 3.27 -4.63 -31.53
C ASP A 331 2.44 -3.53 -32.18
N CYS A 332 3.06 -2.37 -32.41
CA CYS A 332 2.38 -1.25 -33.03
C CYS A 332 2.44 -1.28 -34.56
N ASN A 333 3.23 -2.17 -35.15
CA ASN A 333 3.39 -2.23 -36.59
C ASN A 333 2.55 -3.32 -37.24
N ALA A 334 1.65 -3.96 -36.48
CA ALA A 334 0.79 -5.00 -37.03
C ALA A 334 -0.59 -4.42 -37.36
N THR A 335 -1.26 -5.06 -38.31
CA THR A 335 -2.56 -4.60 -38.76
C THR A 335 -3.64 -5.03 -37.78
N PRO A 336 -4.45 -4.10 -37.26
CA PRO A 336 -5.53 -4.49 -36.35
C PRO A 336 -6.57 -5.34 -37.06
N VAL A 337 -7.27 -6.16 -36.28
CA VAL A 337 -8.24 -7.13 -36.80
C VAL A 337 -9.64 -6.60 -36.53
N LEU A 338 -10.48 -6.63 -37.57
CA LEU A 338 -11.86 -6.18 -37.44
C LEU A 338 -12.67 -7.17 -36.62
N VAL A 339 -13.79 -6.69 -36.10
CA VAL A 339 -14.72 -7.50 -35.32
C VAL A 339 -16.10 -7.42 -35.96
N VAL A 340 -16.65 -8.57 -36.32
CA VAL A 340 -17.99 -8.65 -36.91
C VAL A 340 -19.01 -8.56 -35.80
N GLN A 341 -20.27 -8.32 -36.15
CA GLN A 341 -21.32 -8.12 -35.16
C GLN A 341 -22.65 -8.61 -35.74
N ASP A 342 -23.67 -8.61 -34.89
CA ASP A 342 -25.01 -9.03 -35.24
C ASP A 342 -25.86 -7.82 -35.63
N ASP A 343 -26.75 -8.02 -36.59
CA ASP A 343 -27.55 -6.91 -37.10
C ASP A 343 -28.55 -6.41 -36.05
N ARG A 344 -29.04 -7.30 -35.19
CA ARG A 344 -30.06 -6.90 -34.22
C ARG A 344 -29.52 -5.89 -33.21
N LEU A 345 -28.22 -5.91 -32.95
CA LEU A 345 -27.64 -5.00 -31.96
C LEU A 345 -27.74 -3.56 -32.44
N THR A 346 -27.99 -2.64 -31.49
CA THR A 346 -28.16 -1.24 -31.82
C THR A 346 -26.84 -0.58 -32.18
N GLN A 347 -25.89 -0.57 -31.24
CA GLN A 347 -24.61 0.06 -31.42
C GLN A 347 -23.51 -0.99 -31.48
N SER A 348 -22.30 -0.53 -31.78
CA SER A 348 -21.15 -1.42 -31.90
C SER A 348 -20.78 -1.99 -30.53
N MET A 349 -19.98 -3.05 -30.56
CA MET A 349 -19.58 -3.73 -29.34
C MET A 349 -18.77 -2.81 -28.45
N CYS A 350 -18.93 -2.99 -27.14
CA CYS A 350 -18.22 -2.19 -26.15
C CYS A 350 -16.91 -2.88 -25.80
N LEU A 351 -15.79 -2.28 -26.20
CA LEU A 351 -14.46 -2.86 -25.99
C LEU A 351 -13.72 -2.19 -24.84
N VAL A 352 -14.43 -1.80 -23.79
CA VAL A 352 -13.78 -1.12 -22.67
C VAL A 352 -13.22 -2.08 -21.64
N GLY A 353 -13.75 -3.30 -21.57
CA GLY A 353 -13.33 -4.25 -20.55
C GLY A 353 -12.40 -5.33 -21.05
N SER A 354 -12.11 -5.32 -22.35
CA SER A 354 -11.25 -6.33 -22.95
C SER A 354 -9.81 -5.84 -23.02
N THR A 355 -8.87 -6.73 -22.73
CA THR A 355 -7.45 -6.39 -22.78
C THR A 355 -6.87 -6.46 -24.19
N LEU A 356 -7.63 -6.95 -25.16
CA LEU A 356 -7.18 -7.07 -26.54
C LEU A 356 -7.53 -5.86 -27.39
N ARG A 357 -8.11 -4.82 -26.81
CA ARG A 357 -8.53 -3.66 -27.58
C ARG A 357 -7.34 -3.01 -28.27
N ALA A 358 -7.49 -2.75 -29.57
CA ALA A 358 -6.39 -2.19 -30.34
C ALA A 358 -6.24 -0.70 -30.02
N PRO A 359 -5.00 -0.20 -29.97
CA PRO A 359 -4.79 1.22 -29.72
C PRO A 359 -5.24 2.07 -30.90
N HIS A 360 -5.50 3.35 -30.61
CA HIS A 360 -5.90 4.27 -31.66
C HIS A 360 -4.69 4.63 -32.53
N GLY A 361 -4.99 5.21 -33.69
CA GLY A 361 -3.93 5.54 -34.64
C GLY A 361 -2.95 6.57 -34.12
N CYS A 362 -3.43 7.51 -33.29
CA CYS A 362 -2.56 8.58 -32.79
C CYS A 362 -1.42 8.01 -31.96
N HIS A 363 -1.75 7.18 -30.96
CA HIS A 363 -0.71 6.65 -30.09
C HIS A 363 0.19 5.66 -30.84
N SER A 364 -0.38 4.90 -31.78
CA SER A 364 0.43 4.01 -32.60
C SER A 364 1.45 4.80 -33.41
N GLN A 365 1.02 5.90 -34.02
CA GLN A 365 1.96 6.75 -34.75
C GLN A 365 3.00 7.35 -33.83
N TYR A 366 2.60 7.75 -32.63
CA TYR A 366 3.55 8.29 -31.66
C TYR A 366 4.64 7.28 -31.33
N MET A 367 4.24 6.05 -31.00
CA MET A 367 5.23 5.03 -30.64
C MET A 367 6.08 4.64 -31.83
N ALA A 368 5.49 4.56 -33.03
CA ALA A 368 6.27 4.23 -34.22
C ALA A 368 7.32 5.31 -34.49
N ASN A 369 6.95 6.58 -34.37
CA ASN A 369 7.90 7.66 -34.62
C ASN A 369 8.98 7.70 -33.56
N MET A 370 8.61 7.53 -32.28
CA MET A 370 9.58 7.61 -31.21
C MET A 370 10.60 6.48 -31.28
N GLY A 371 10.13 5.26 -31.59
CA GLY A 371 11.04 4.14 -31.73
C GLY A 371 10.57 2.89 -31.01
N SER A 372 9.75 3.06 -29.98
CA SER A 372 9.28 1.92 -29.20
C SER A 372 8.35 1.06 -30.03
N ILE A 373 8.56 -0.26 -29.96
CA ILE A 373 7.74 -1.22 -30.68
C ILE A 373 6.69 -1.87 -29.78
N ALA A 374 7.05 -2.19 -28.55
CA ALA A 374 6.13 -2.77 -27.58
C ALA A 374 6.14 -1.93 -26.31
N SER A 375 4.99 -1.84 -25.66
CA SER A 375 4.82 -0.99 -24.49
C SER A 375 4.06 -1.72 -23.40
N LEU A 376 4.19 -1.21 -22.18
CA LEU A 376 3.49 -1.76 -21.03
C LEU A 376 3.43 -0.67 -19.97
N ALA A 377 2.22 -0.21 -19.65
CA ALA A 377 2.01 0.89 -18.71
C ALA A 377 1.12 0.41 -17.57
N MET A 378 1.53 0.72 -16.34
CA MET A 378 0.79 0.36 -15.14
C MET A 378 0.57 1.60 -14.30
N ALA A 379 -0.54 1.61 -13.57
CA ALA A 379 -1.00 2.78 -12.84
C ALA A 379 -0.60 2.71 -11.38
N VAL A 380 -0.27 3.87 -10.81
CA VAL A 380 -0.01 4.02 -9.38
C VAL A 380 -1.16 4.80 -8.78
N ILE A 381 -1.92 4.16 -7.90
CA ILE A 381 -3.13 4.73 -7.33
C ILE A 381 -2.94 4.89 -5.83
N ILE A 382 -3.18 6.10 -5.32
CA ILE A 382 -3.11 6.38 -3.89
C ILE A 382 -4.50 6.76 -3.41
N ASN A 383 -4.65 6.99 -2.11
CA ASN A 383 -5.92 7.36 -1.51
C ASN A 383 -5.94 8.86 -1.28
N GLY A 384 -6.97 9.53 -1.79
CA GLY A 384 -7.12 10.96 -1.65
C GLY A 384 -8.35 11.33 -0.86
N ASN A 385 -8.27 12.44 -0.13
CA ASN A 385 -9.37 12.90 0.69
C ASN A 385 -9.97 14.19 0.15
N SER A 397 -12.77 5.04 0.07
CA SER A 397 -13.01 6.47 -0.06
C SER A 397 -12.96 6.90 -1.53
N SER A 398 -11.86 7.55 -1.91
CA SER A 398 -11.67 8.04 -3.28
C SER A 398 -10.29 7.65 -3.77
N MET A 399 -10.21 7.29 -5.05
CA MET A 399 -8.96 6.90 -5.69
C MET A 399 -8.45 8.04 -6.54
N ARG A 400 -7.15 8.31 -6.46
CA ARG A 400 -6.51 9.37 -7.21
C ARG A 400 -5.33 8.79 -7.97
N LEU A 401 -5.24 9.10 -9.26
CA LEU A 401 -4.16 8.61 -10.10
C LEU A 401 -2.94 9.50 -9.90
N TRP A 402 -1.94 8.99 -9.18
CA TRP A 402 -0.72 9.75 -8.98
C TRP A 402 0.12 9.79 -10.24
N GLY A 403 0.21 8.68 -10.95
CA GLY A 403 1.00 8.61 -12.15
C GLY A 403 1.02 7.21 -12.71
N LEU A 404 1.93 6.98 -13.65
CA LEU A 404 2.08 5.69 -14.29
C LEU A 404 3.54 5.28 -14.34
N VAL A 405 3.76 3.97 -14.37
CA VAL A 405 5.06 3.39 -14.67
C VAL A 405 4.92 2.69 -16.03
N VAL A 406 5.86 2.96 -16.92
CA VAL A 406 5.76 2.50 -18.31
C VAL A 406 7.02 1.74 -18.68
N CYS A 407 6.87 0.81 -19.61
CA CYS A 407 7.97 0.01 -20.12
C CYS A 407 7.96 0.05 -21.64
N HIS A 408 9.14 0.15 -22.24
CA HIS A 408 9.27 0.26 -23.68
C HIS A 408 10.30 -0.75 -24.18
N HIS A 409 10.03 -1.29 -25.38
CA HIS A 409 10.94 -2.25 -26.00
C HIS A 409 11.31 -1.80 -27.41
N THR A 410 12.14 -2.58 -28.10
CA THR A 410 12.51 -2.29 -29.48
C THR A 410 12.14 -3.45 -30.41
N SER A 411 11.19 -4.28 -30.01
CA SER A 411 10.73 -5.41 -30.82
C SER A 411 9.40 -5.88 -30.26
N SER A 412 8.89 -6.97 -30.81
CA SER A 412 7.66 -7.55 -30.31
C SER A 412 7.91 -8.25 -28.98
N ARG A 413 7.03 -8.00 -28.01
CA ARG A 413 7.17 -8.60 -26.69
C ARG A 413 5.78 -8.80 -26.09
N CYS A 414 5.49 -10.05 -25.70
CA CYS A 414 4.23 -10.39 -25.07
C CYS A 414 4.52 -11.23 -23.83
N ILE A 415 4.43 -10.61 -22.66
CA ILE A 415 4.70 -11.28 -21.39
C ILE A 415 3.55 -12.24 -21.08
N PRO A 416 3.78 -13.31 -20.32
CA PRO A 416 2.68 -14.21 -19.97
C PRO A 416 1.69 -13.58 -19.01
N PHE A 417 0.64 -14.33 -18.66
CA PHE A 417 -0.41 -13.78 -17.80
C PHE A 417 0.04 -13.51 -16.37
N PRO A 418 0.64 -14.46 -15.64
CA PRO A 418 0.90 -14.22 -14.21
C PRO A 418 1.82 -13.05 -13.93
N LEU A 419 2.70 -12.69 -14.86
CA LEU A 419 3.60 -11.57 -14.64
C LEU A 419 2.82 -10.27 -14.49
N ARG A 420 1.69 -10.15 -15.19
CA ARG A 420 0.87 -8.96 -15.04
C ARG A 420 0.32 -8.83 -13.62
N TYR A 421 -0.13 -9.93 -13.05
CA TYR A 421 -0.64 -9.89 -11.67
C TYR A 421 0.47 -9.62 -10.67
N ALA A 422 1.66 -10.19 -10.91
CA ALA A 422 2.80 -9.88 -10.05
C ALA A 422 3.14 -8.40 -10.10
N CYS A 423 3.14 -7.83 -11.30
CA CYS A 423 3.37 -6.39 -11.44
C CYS A 423 2.31 -5.59 -10.72
N GLU A 424 1.06 -6.01 -10.80
CA GLU A 424 -0.01 -5.32 -10.09
C GLU A 424 0.20 -5.34 -8.58
N PHE A 425 0.64 -6.50 -8.06
CA PHE A 425 0.96 -6.61 -6.63
C PHE A 425 2.07 -5.63 -6.25
N LEU A 426 3.13 -5.58 -7.06
CA LEU A 426 4.21 -4.64 -6.79
C LEU A 426 3.73 -3.20 -6.81
N MET A 427 2.83 -2.87 -7.75
CA MET A 427 2.33 -1.51 -7.83
C MET A 427 1.44 -1.17 -6.64
N GLN A 428 0.69 -2.15 -6.12
CA GLN A 428 -0.07 -1.92 -4.90
C GLN A 428 0.86 -1.56 -3.73
N ALA A 429 1.95 -2.33 -3.57
CA ALA A 429 2.90 -2.02 -2.51
C ALA A 429 3.51 -0.63 -2.69
N PHE A 430 3.88 -0.30 -3.94
CA PHE A 430 4.46 1.01 -4.22
C PHE A 430 3.49 2.13 -3.88
N GLY A 431 2.21 1.96 -4.23
CA GLY A 431 1.22 2.98 -3.90
C GLY A 431 1.06 3.17 -2.40
N LEU A 432 1.02 2.07 -1.64
CA LEU A 432 0.90 2.20 -0.19
C LEU A 432 2.09 2.95 0.40
N GLN A 433 3.30 2.60 -0.02
CA GLN A 433 4.48 3.29 0.50
C GLN A 433 4.50 4.75 0.08
N LEU A 434 4.02 5.05 -1.13
CA LEU A 434 3.96 6.43 -1.58
C LEU A 434 3.00 7.24 -0.73
N ASN A 435 1.84 6.68 -0.39
CA ASN A 435 0.91 7.37 0.50
C ASN A 435 1.55 7.66 1.85
N MET A 436 2.25 6.68 2.42
CA MET A 436 2.90 7.00 3.71
C MET A 436 3.87 8.15 3.51
N GLU A 437 4.78 8.04 2.52
CA GLU A 437 5.80 9.07 2.43
C GLU A 437 5.18 10.45 2.21
N LEU A 438 4.12 10.53 1.42
CA LEU A 438 3.46 11.81 1.19
C LEU A 438 2.91 12.38 2.50
N GLN A 439 2.21 11.55 3.28
CA GLN A 439 1.66 12.05 4.53
C GLN A 439 2.76 12.48 5.50
N LEU A 440 3.83 11.68 5.58
CA LEU A 440 4.93 12.03 6.49
C LEU A 440 5.58 13.34 6.08
N ALA A 441 5.81 13.53 4.78
CA ALA A 441 6.41 14.76 4.31
C ALA A 441 5.52 15.97 4.57
N LEU A 442 4.20 15.80 4.39
CA LEU A 442 3.28 16.90 4.68
C LEU A 442 3.35 17.30 6.14
N GLN A 443 3.34 16.30 7.04
CA GLN A 443 3.41 16.62 8.47
C GLN A 443 4.73 17.30 8.83
N MET A 444 5.82 16.83 8.24
CA MET A 444 7.14 17.43 8.55
C MET A 444 7.16 18.88 8.06
N SER A 445 6.61 19.13 6.86
CA SER A 445 6.58 20.50 6.34
C SER A 445 5.75 21.41 7.23
N GLU A 446 4.60 20.92 7.71
CA GLU A 446 3.79 21.74 8.60
C GLU A 446 4.54 22.06 9.90
N LYS A 447 5.22 21.06 10.46
CA LYS A 447 6.00 21.29 11.67
C LYS A 447 7.09 22.33 11.45
N ARG A 448 7.80 22.24 10.31
CA ARG A 448 8.84 23.20 10.01
C ARG A 448 8.26 24.61 9.86
N VAL A 449 7.11 24.71 9.20
CA VAL A 449 6.47 26.02 9.03
C VAL A 449 6.11 26.62 10.38
N LEU A 450 5.55 25.80 11.28
CA LEU A 450 5.18 26.31 12.60
C LEU A 450 6.42 26.76 13.38
N ARG A 451 7.51 25.99 13.29
CA ARG A 451 8.74 26.36 13.98
C ARG A 451 9.28 27.68 13.43
N THR A 452 9.26 27.85 12.11
CA THR A 452 9.70 29.11 11.54
C THR A 452 8.83 30.26 12.00
N GLN A 453 7.51 30.05 12.08
CA GLN A 453 6.60 31.11 12.51
C GLN A 453 6.90 31.53 13.94
N THR A 454 7.08 30.57 14.85
CA THR A 454 7.34 30.95 16.24
C THR A 454 8.70 31.60 16.39
N LEU A 455 9.70 31.14 15.63
CA LEU A 455 11.00 31.81 15.66
C LEU A 455 10.89 33.25 15.19
N LEU A 456 10.18 33.49 14.09
CA LEU A 456 10.02 34.84 13.57
C LEU A 456 9.25 35.71 14.56
N CYS A 457 8.26 35.13 15.23
CA CYS A 457 7.55 35.87 16.28
C CYS A 457 8.50 36.27 17.41
N ASP A 458 9.41 35.36 17.78
CA ASP A 458 10.39 35.69 18.81
C ASP A 458 11.29 36.85 18.37
N MET A 459 11.76 36.81 17.12
CA MET A 459 12.59 37.92 16.64
C MET A 459 11.80 39.23 16.61
N LEU A 460 10.54 39.18 16.19
CA LEU A 460 9.73 40.38 16.15
C LEU A 460 9.54 40.97 17.54
N LEU A 461 9.30 40.10 18.53
CA LEU A 461 9.15 40.58 19.91
C LEU A 461 10.46 41.16 20.43
N ARG A 462 11.58 40.52 20.11
CA ARG A 462 12.86 40.95 20.66
C ARG A 462 13.29 42.32 20.14
N ASP A 463 13.14 42.56 18.84
CA ASP A 463 13.71 43.76 18.23
C ASP A 463 12.69 44.55 17.41
N SER A 464 13.17 45.53 16.65
CA SER A 464 12.32 46.39 15.85
C SER A 464 11.66 45.59 14.73
N PRO A 465 10.52 46.08 14.22
CA PRO A 465 9.83 45.33 13.14
C PRO A 465 10.67 45.14 11.90
N ALA A 466 11.59 46.06 11.59
CA ALA A 466 12.43 45.92 10.40
C ALA A 466 13.48 44.83 10.54
N GLY A 467 13.66 44.27 11.73
CA GLY A 467 14.67 43.26 11.95
C GLY A 467 14.31 41.87 11.49
N ILE A 468 13.06 41.63 11.09
CA ILE A 468 12.65 40.29 10.68
C ILE A 468 13.28 39.89 9.36
N VAL A 469 13.77 40.84 8.57
CA VAL A 469 14.38 40.55 7.29
C VAL A 469 15.89 40.76 7.30
N THR A 470 16.47 41.10 8.45
CA THR A 470 17.89 41.41 8.52
C THR A 470 18.75 40.16 8.79
N GLN A 471 18.38 39.39 9.81
CA GLN A 471 19.19 38.26 10.25
C GLN A 471 18.43 36.95 10.02
N SER A 472 19.16 35.95 9.54
CA SER A 472 18.57 34.64 9.28
C SER A 472 18.20 33.96 10.61
N PRO A 473 17.12 33.17 10.63
CA PRO A 473 16.19 32.87 9.52
C PRO A 473 15.31 34.06 9.16
N SER A 474 14.90 34.14 7.90
CA SER A 474 14.11 35.29 7.43
C SER A 474 12.82 34.83 6.75
N ILE A 475 12.15 35.76 6.08
CA ILE A 475 10.89 35.47 5.42
C ILE A 475 11.03 34.40 4.35
N MET A 476 12.21 34.31 3.71
CA MET A 476 12.43 33.31 2.67
C MET A 476 12.15 31.90 3.16
N ASP A 477 12.49 31.62 4.42
CA ASP A 477 12.34 30.27 4.96
C ASP A 477 10.87 29.86 5.09
N LEU A 478 9.93 30.80 5.05
CA LEU A 478 8.53 30.44 5.25
C LEU A 478 8.01 29.58 4.12
N VAL A 479 8.21 30.01 2.87
CA VAL A 479 7.71 29.31 1.70
C VAL A 479 8.83 29.17 0.68
N LYS A 480 8.65 28.21 -0.23
CA LYS A 480 9.63 28.01 -1.30
C LYS A 480 9.57 29.18 -2.26
N CYS A 481 10.61 30.00 -2.27
CA CYS A 481 10.62 31.20 -3.08
C CYS A 481 12.06 31.55 -3.45
N ASP A 482 12.20 32.52 -4.35
CA ASP A 482 13.50 33.02 -4.76
C ASP A 482 13.75 34.46 -4.35
N GLY A 483 12.79 35.10 -3.66
CA GLY A 483 12.97 36.47 -3.21
C GLY A 483 11.75 37.01 -2.48
N ALA A 484 11.95 38.07 -1.70
CA ALA A 484 10.87 38.70 -0.96
C ALA A 484 11.25 40.13 -0.64
N ALA A 485 10.26 40.91 -0.23
CA ALA A 485 10.48 42.31 0.10
C ALA A 485 9.47 42.76 1.15
N PHE A 486 9.81 43.84 1.85
CA PHE A 486 8.95 44.43 2.87
C PHE A 486 8.98 45.95 2.73
N LEU A 487 7.80 46.55 2.69
CA LEU A 487 7.66 48.00 2.62
C LEU A 487 7.10 48.51 3.95
N TYR A 488 7.78 49.50 4.54
CA TYR A 488 7.46 49.97 5.88
C TYR A 488 7.67 51.48 5.94
N HIS A 489 6.58 52.23 5.75
CA HIS A 489 6.62 53.70 5.73
C HIS A 489 7.67 54.21 4.74
N GLY A 490 7.64 53.69 3.52
CA GLY A 490 8.55 54.10 2.48
C GLY A 490 9.90 53.42 2.49
N LYS A 491 10.17 52.57 3.48
CA LYS A 491 11.43 51.84 3.53
C LYS A 491 11.26 50.48 2.86
N TYR A 492 12.12 50.20 1.89
CA TYR A 492 12.08 48.97 1.11
C TYR A 492 13.31 48.14 1.42
N TYR A 493 13.09 46.87 1.75
CA TYR A 493 14.19 45.97 2.10
C TYR A 493 14.27 44.85 1.07
N PRO A 494 15.20 44.92 0.11
CA PRO A 494 15.32 43.85 -0.89
C PRO A 494 15.88 42.58 -0.30
N LEU A 495 15.50 41.45 -0.92
CA LEU A 495 15.98 40.14 -0.51
C LEU A 495 15.95 39.21 -1.72
N GLY A 496 17.11 38.69 -2.10
CA GLY A 496 17.20 37.83 -3.26
C GLY A 496 16.88 38.58 -4.55
N VAL A 497 16.24 37.87 -5.48
CA VAL A 497 15.81 38.49 -6.73
C VAL A 497 14.49 39.23 -6.47
N ALA A 498 14.43 40.48 -6.92
CA ALA A 498 13.28 41.33 -6.67
C ALA A 498 13.41 42.58 -7.52
N PRO A 499 12.31 43.23 -7.87
CA PRO A 499 12.39 44.48 -8.62
C PRO A 499 13.00 45.60 -7.78
N SER A 500 13.42 46.65 -8.47
CA SER A 500 14.01 47.81 -7.81
C SER A 500 12.90 48.66 -7.18
N GLU A 501 13.28 49.81 -6.64
CA GLU A 501 12.30 50.65 -5.94
C GLU A 501 11.23 51.18 -6.89
N VAL A 502 11.63 51.63 -8.08
CA VAL A 502 10.66 52.25 -8.99
C VAL A 502 9.62 51.23 -9.44
N GLN A 503 10.05 50.00 -9.75
CA GLN A 503 9.10 48.97 -10.14
C GLN A 503 8.20 48.58 -8.98
N ILE A 504 8.70 48.67 -7.76
CA ILE A 504 7.78 48.34 -6.64
C ILE A 504 6.75 49.47 -6.51
N LYS A 505 7.16 50.72 -6.71
CA LYS A 505 6.16 51.77 -6.70
C LYS A 505 5.11 51.56 -7.77
N ASP A 506 5.54 51.17 -8.98
CA ASP A 506 4.56 50.89 -10.03
C ASP A 506 3.63 49.74 -9.65
N VAL A 507 4.17 48.66 -9.07
CA VAL A 507 3.31 47.53 -8.77
C VAL A 507 2.36 47.86 -7.61
N VAL A 508 2.82 48.61 -6.60
CA VAL A 508 1.90 48.96 -5.52
C VAL A 508 0.83 49.92 -6.01
N GLU A 509 1.19 50.82 -6.94
CA GLU A 509 0.17 51.68 -7.54
C GLU A 509 -0.86 50.86 -8.30
N TRP A 510 -0.40 49.86 -9.06
CA TRP A 510 -1.32 48.98 -9.77
C TRP A 510 -2.25 48.24 -8.81
N LEU A 511 -1.69 47.72 -7.71
CA LEU A 511 -2.49 47.00 -6.73
C LEU A 511 -3.54 47.91 -6.11
N LEU A 512 -3.13 49.10 -5.66
CA LEU A 512 -4.07 50.02 -5.02
C LEU A 512 -5.11 50.53 -6.02
N ALA A 513 -4.76 50.59 -7.31
CA ALA A 513 -5.73 51.02 -8.31
C ALA A 513 -6.76 49.93 -8.58
N ASN A 514 -6.32 48.68 -8.69
CA ASN A 514 -7.24 47.62 -9.07
C ASN A 514 -7.74 46.82 -7.86
N HIS A 515 -6.82 46.24 -7.08
CA HIS A 515 -7.20 45.40 -5.94
C HIS A 515 -7.14 46.25 -4.67
N ALA A 516 -8.28 46.88 -4.36
CA ALA A 516 -8.38 47.73 -3.18
C ALA A 516 -8.92 46.96 -1.97
N ASP A 517 -10.12 46.37 -2.11
CA ASP A 517 -10.77 45.68 -1.01
C ASP A 517 -10.45 44.18 -1.10
N SER A 518 -9.28 43.82 -0.61
CA SER A 518 -8.86 42.43 -0.58
C SER A 518 -7.80 42.25 0.50
N THR A 519 -7.82 41.08 1.14
CA THR A 519 -6.85 40.74 2.16
C THR A 519 -5.67 39.95 1.62
N GLY A 520 -5.65 39.65 0.33
CA GLY A 520 -4.56 38.91 -0.27
C GLY A 520 -4.79 38.74 -1.75
N LEU A 521 -3.69 38.40 -2.44
CA LEU A 521 -3.75 38.20 -3.89
C LEU A 521 -2.68 37.19 -4.28
N SER A 522 -3.09 36.13 -4.96
CA SER A 522 -2.18 35.11 -5.48
C SER A 522 -2.33 35.05 -6.99
N THR A 523 -1.24 35.24 -7.71
CA THR A 523 -1.24 35.18 -9.16
C THR A 523 -0.17 34.19 -9.63
N ASP A 524 -0.55 33.29 -10.54
CA ASP A 524 0.41 32.34 -11.08
C ASP A 524 1.38 33.00 -12.04
N SER A 525 0.95 34.09 -12.70
CA SER A 525 1.81 34.81 -13.62
C SER A 525 1.39 36.27 -13.65
N LEU A 526 2.37 37.17 -13.65
CA LEU A 526 2.07 38.60 -13.67
C LEU A 526 1.50 39.03 -15.00
N GLY A 527 1.92 38.40 -16.10
CA GLY A 527 1.40 38.78 -17.40
C GLY A 527 -0.09 38.52 -17.53
N ASP A 528 -0.53 37.33 -17.10
CA ASP A 528 -1.95 37.02 -17.14
C ASP A 528 -2.74 37.81 -16.11
N ALA A 529 -2.09 38.31 -15.07
CA ALA A 529 -2.78 39.14 -14.08
C ALA A 529 -3.28 40.44 -14.71
N GLY A 530 -2.46 41.05 -15.57
CA GLY A 530 -2.84 42.29 -16.21
C GLY A 530 -1.91 43.44 -15.90
N TYR A 531 -0.67 43.12 -15.54
CA TYR A 531 0.31 44.16 -15.22
C TYR A 531 0.89 44.73 -16.52
N PRO A 532 0.70 46.03 -16.79
CA PRO A 532 1.30 46.60 -18.00
C PRO A 532 2.82 46.53 -18.02
N GLY A 533 3.46 46.61 -16.85
CA GLY A 533 4.90 46.55 -16.75
C GLY A 533 5.50 45.17 -16.63
N ALA A 534 4.70 44.12 -16.83
CA ALA A 534 5.21 42.76 -16.71
C ALA A 534 6.30 42.46 -17.74
N ALA A 535 6.12 42.95 -18.97
CA ALA A 535 7.12 42.68 -20.01
C ALA A 535 8.47 43.30 -19.65
N ALA A 536 8.46 44.53 -19.13
CA ALA A 536 9.72 45.18 -18.74
C ALA A 536 10.36 44.52 -17.54
N LEU A 537 9.59 43.82 -16.71
CA LEU A 537 10.15 43.16 -15.53
C LEU A 537 11.08 42.03 -15.95
N GLY A 538 10.73 41.30 -16.99
CA GLY A 538 11.57 40.22 -17.48
C GLY A 538 11.24 38.88 -16.86
N ASP A 539 12.10 37.92 -17.14
CA ASP A 539 11.95 36.56 -16.63
C ASP A 539 12.54 36.36 -15.25
N ALA A 540 13.13 37.41 -14.65
CA ALA A 540 13.67 37.28 -13.30
C ALA A 540 12.58 36.91 -12.30
N VAL A 541 11.50 37.67 -12.28
CA VAL A 541 10.32 37.35 -11.47
C VAL A 541 9.10 37.41 -12.38
N CYS A 542 8.22 36.42 -12.25
CA CYS A 542 7.00 36.39 -13.05
C CYS A 542 5.78 36.11 -12.18
N GLY A 543 5.97 35.40 -11.08
CA GLY A 543 4.90 35.08 -10.15
C GLY A 543 5.10 35.82 -8.84
N MET A 544 3.99 36.21 -8.22
CA MET A 544 4.05 37.02 -7.02
C MET A 544 2.88 36.69 -6.10
N ALA A 545 3.07 37.00 -4.81
CA ALA A 545 2.02 36.89 -3.80
C ALA A 545 2.19 38.04 -2.83
N VAL A 546 1.08 38.68 -2.47
CA VAL A 546 1.10 39.89 -1.66
C VAL A 546 0.14 39.73 -0.48
N ALA A 547 0.59 40.13 0.70
CA ALA A 547 -0.24 40.18 1.90
C ALA A 547 -0.30 41.62 2.38
N TYR A 548 -1.52 42.11 2.62
CA TYR A 548 -1.75 43.51 3.02
C TYR A 548 -1.56 43.62 4.53
N ILE A 549 -0.36 43.96 4.96
CA ILE A 549 -0.11 44.20 6.38
C ILE A 549 -0.90 45.41 6.85
N THR A 550 -0.76 46.53 6.14
CA THR A 550 -1.54 47.74 6.39
C THR A 550 -2.09 48.28 5.08
N LYS A 551 -2.68 49.48 5.13
CA LYS A 551 -3.12 50.13 3.90
C LYS A 551 -1.94 50.69 3.11
N ARG A 552 -0.80 50.89 3.77
CA ARG A 552 0.40 51.41 3.10
C ARG A 552 1.59 50.46 3.15
N ASP A 553 1.60 49.48 4.06
CA ASP A 553 2.69 48.54 4.20
C ASP A 553 2.24 47.18 3.69
N PHE A 554 3.06 46.58 2.83
CA PHE A 554 2.71 45.33 2.17
C PHE A 554 3.89 44.37 2.19
N LEU A 555 3.58 43.08 2.11
CA LEU A 555 4.57 42.01 2.13
C LEU A 555 4.50 41.24 0.82
N PHE A 556 5.64 41.09 0.15
CA PHE A 556 5.71 40.53 -1.19
C PHE A 556 6.52 39.24 -1.19
N TRP A 557 6.10 38.30 -2.03
CA TRP A 557 6.87 37.09 -2.31
C TRP A 557 7.02 36.96 -3.82
N PHE A 558 8.21 36.60 -4.28
CA PHE A 558 8.53 36.57 -5.70
C PHE A 558 9.04 35.19 -6.10
N ARG A 559 8.76 34.79 -7.33
CA ARG A 559 9.25 33.55 -7.90
C ARG A 559 9.59 33.76 -9.37
N SER A 560 10.51 32.93 -9.86
CA SER A 560 10.96 33.02 -11.24
C SER A 560 10.11 32.11 -12.13
N HIS A 561 10.37 32.15 -13.43
CA HIS A 561 9.60 31.36 -14.37
C HIS A 561 9.95 29.88 -14.26
N THR A 562 9.03 29.03 -14.71
CA THR A 562 9.17 27.59 -14.55
C THR A 562 10.37 27.03 -15.31
N ALA A 563 10.71 27.64 -16.45
CA ALA A 563 11.78 27.10 -17.30
C ALA A 563 13.16 27.21 -16.67
N LYS A 564 13.31 27.96 -15.57
CA LYS A 564 14.63 28.14 -14.97
C LYS A 564 15.20 26.82 -14.47
N GLU A 565 14.39 26.02 -13.78
CA GLU A 565 14.85 24.76 -13.20
C GLU A 565 14.51 23.56 -14.05
N ILE A 566 13.89 23.75 -15.22
CA ILE A 566 13.59 22.65 -16.12
C ILE A 566 14.79 22.44 -17.03
N LYS A 567 15.43 21.28 -16.92
CA LYS A 567 16.62 20.99 -17.71
C LYS A 567 16.62 19.53 -18.11
N TRP A 568 16.72 19.28 -19.42
CA TRP A 568 16.81 17.93 -19.97
C TRP A 568 17.90 17.90 -21.01
N GLY A 569 18.60 16.77 -21.10
CA GLY A 569 19.70 16.63 -22.05
C GLY A 569 19.23 16.42 -23.47
N GLY A 570 18.62 17.44 -24.06
CA GLY A 570 18.13 17.35 -25.42
C GLY A 570 17.67 18.69 -25.98
N ASP A 580 10.18 23.38 -35.85
CA ASP A 580 9.87 22.31 -36.79
C ASP A 580 9.21 21.13 -36.09
N GLY A 581 8.15 21.42 -35.34
CA GLY A 581 7.43 20.39 -34.62
C GLY A 581 6.37 19.71 -35.46
N GLN A 582 6.79 19.11 -36.58
CA GLN A 582 5.84 18.42 -37.46
C GLN A 582 5.55 17.02 -36.95
N ARG A 583 6.59 16.18 -36.86
CA ARG A 583 6.41 14.81 -36.41
C ARG A 583 6.12 14.76 -34.92
N MET A 584 5.59 13.64 -34.48
CA MET A 584 5.32 13.39 -33.07
C MET A 584 6.56 12.78 -32.43
N HIS A 585 7.30 13.58 -31.68
CA HIS A 585 8.49 13.14 -31.00
C HIS A 585 8.53 13.75 -29.60
N PRO A 586 9.21 13.11 -28.65
CA PRO A 586 9.34 13.72 -27.32
C PRO A 586 9.97 15.10 -27.34
N ARG A 587 10.87 15.36 -28.31
CA ARG A 587 11.43 16.71 -28.42
C ARG A 587 10.36 17.73 -28.74
N SER A 588 9.43 17.39 -29.64
CA SER A 588 8.33 18.30 -29.97
C SER A 588 7.44 18.52 -28.74
N SER A 589 7.19 17.46 -27.97
CA SER A 589 6.40 17.60 -26.75
C SER A 589 7.08 18.55 -25.77
N PHE A 590 8.40 18.40 -25.60
CA PHE A 590 9.13 19.29 -24.70
C PHE A 590 9.09 20.73 -25.18
N GLN A 591 9.23 20.94 -26.50
CA GLN A 591 9.17 22.29 -27.03
C GLN A 591 7.80 22.91 -26.83
N ALA A 592 6.74 22.13 -27.05
CA ALA A 592 5.39 22.64 -26.83
C ALA A 592 5.16 22.98 -25.37
N PHE A 593 5.66 22.14 -24.46
CA PHE A 593 5.52 22.43 -23.03
C PHE A 593 6.25 23.71 -22.67
N LEU A 594 7.47 23.88 -23.18
CA LEU A 594 8.21 25.11 -22.91
C LEU A 594 7.50 26.31 -23.51
N GLU A 595 6.77 26.11 -24.61
CA GLU A 595 6.03 27.20 -25.22
C GLU A 595 4.84 27.62 -24.36
N VAL A 596 4.07 26.65 -23.86
CA VAL A 596 2.84 27.00 -23.14
C VAL A 596 3.17 27.63 -21.79
N VAL A 597 4.18 27.12 -21.10
CA VAL A 597 4.51 27.58 -19.74
C VAL A 597 5.46 28.77 -19.79
N LYS A 598 5.69 29.31 -20.99
CA LYS A 598 6.55 30.49 -21.12
C LYS A 598 5.97 31.65 -20.33
N SER A 599 6.83 32.33 -19.57
CA SER A 599 6.45 33.45 -18.71
C SER A 599 5.38 33.01 -17.70
N ARG A 600 5.70 31.95 -16.96
CA ARG A 600 4.81 31.42 -15.94
C ARG A 600 5.64 30.68 -14.90
N SER A 601 5.17 30.70 -13.66
CA SER A 601 5.84 30.08 -12.54
C SER A 601 5.03 28.88 -12.04
N GLN A 602 5.59 28.19 -11.05
CA GLN A 602 4.87 27.10 -10.42
C GLN A 602 3.69 27.65 -9.62
N PRO A 603 2.59 26.90 -9.54
CA PRO A 603 1.43 27.39 -8.79
C PRO A 603 1.72 27.51 -7.31
N TRP A 604 1.12 28.52 -6.69
CA TRP A 604 1.19 28.71 -5.24
C TRP A 604 0.22 27.75 -4.59
N GLU A 605 0.73 26.77 -3.86
CA GLU A 605 -0.12 25.78 -3.23
C GLU A 605 -0.91 26.39 -2.08
N THR A 606 -1.93 25.66 -1.62
CA THR A 606 -2.78 26.17 -0.56
C THR A 606 -2.05 26.25 0.77
N ALA A 607 -1.09 25.33 0.99
CA ALA A 607 -0.34 25.36 2.26
C ALA A 607 0.45 26.65 2.42
N GLU A 608 1.14 27.06 1.36
CA GLU A 608 1.86 28.33 1.40
C GLU A 608 0.90 29.49 1.63
N MET A 609 -0.26 29.45 0.97
CA MET A 609 -1.23 30.53 1.12
C MET A 609 -1.73 30.65 2.55
N ASP A 610 -2.06 29.52 3.19
CA ASP A 610 -2.57 29.60 4.55
C ASP A 610 -1.47 29.98 5.54
N ALA A 611 -0.24 29.55 5.28
CA ALA A 611 0.88 30.01 6.12
C ALA A 611 1.06 31.52 6.00
N ILE A 612 0.95 32.05 4.77
CA ILE A 612 1.03 33.48 4.56
C ILE A 612 -0.09 34.19 5.30
N HIS A 613 -1.31 33.64 5.24
CA HIS A 613 -2.43 34.24 5.95
C HIS A 613 -2.20 34.25 7.46
N SER A 614 -1.65 33.16 8.00
CA SER A 614 -1.38 33.10 9.43
C SER A 614 -0.36 34.16 9.84
N LEU A 615 0.74 34.27 9.10
CA LEU A 615 1.73 35.29 9.43
C LEU A 615 1.17 36.69 9.26
N GLN A 616 0.33 36.89 8.25
CA GLN A 616 -0.30 38.19 8.05
C GLN A 616 -1.20 38.56 9.23
N LEU A 617 -1.98 37.59 9.71
CA LEU A 617 -2.84 37.85 10.86
C LEU A 617 -2.01 38.18 12.09
N ILE A 618 -0.91 37.43 12.31
CA ILE A 618 -0.06 37.69 13.47
C ILE A 618 0.54 39.09 13.38
N LEU A 619 1.05 39.46 12.21
CA LEU A 619 1.65 40.78 12.03
C LEU A 619 0.62 41.88 12.20
N ARG A 620 -0.59 41.67 11.69
CA ARG A 620 -1.64 42.66 11.84
C ARG A 620 -1.99 42.86 13.31
N ASP A 621 -2.09 41.76 14.06
CA ASP A 621 -2.37 41.88 15.49
C ASP A 621 -1.25 42.61 16.21
N SER A 622 0.00 42.28 15.90
CA SER A 622 1.13 42.91 16.56
C SER A 622 1.18 44.41 16.27
N PHE A 623 0.94 44.80 15.02
CA PHE A 623 1.00 46.20 14.66
C PHE A 623 -0.22 46.98 15.13
N LYS A 624 -1.36 46.31 15.30
CA LYS A 624 -2.52 46.96 15.90
C LYS A 624 -2.35 47.14 17.40
N GLU A 625 -1.55 46.26 18.03
CA GLU A 625 -1.24 46.47 19.45
C GLU A 625 -0.46 47.77 19.65
N SER A 626 0.49 48.05 18.76
CA SER A 626 1.30 49.27 18.87
C SER A 626 0.52 50.48 18.38
N GLY B 116 15.20 -37.66 17.64
CA GLY B 116 15.12 -37.02 16.34
C GLY B 116 14.09 -35.92 16.27
N GLY B 117 12.82 -36.30 16.38
CA GLY B 117 11.72 -35.37 16.33
C GLY B 117 10.44 -36.07 15.95
N TYR B 118 9.36 -35.30 15.87
CA TYR B 118 8.05 -35.83 15.52
C TYR B 118 7.38 -34.88 14.53
N ILE B 119 6.58 -35.45 13.64
CA ILE B 119 5.87 -34.70 12.62
C ILE B 119 4.39 -35.08 12.66
N GLN B 120 3.57 -34.16 12.17
CA GLN B 120 2.14 -34.42 12.09
C GLN B 120 1.86 -35.48 11.03
N PRO B 121 0.79 -36.29 11.20
CA PRO B 121 0.53 -37.42 10.31
C PRO B 121 -0.24 -37.04 9.06
N PHE B 122 0.23 -36.02 8.34
CA PHE B 122 -0.37 -35.66 7.06
C PHE B 122 0.68 -35.27 6.03
N GLY B 123 1.95 -35.57 6.28
CA GLY B 123 3.01 -35.26 5.33
C GLY B 123 4.19 -36.16 5.56
N CYS B 124 5.14 -36.08 4.63
CA CYS B 124 6.34 -36.91 4.67
C CYS B 124 7.56 -36.05 4.94
N MET B 125 8.63 -36.71 5.40
CA MET B 125 9.91 -36.06 5.66
C MET B 125 11.02 -36.89 5.05
N ILE B 126 11.82 -36.27 4.19
CA ILE B 126 12.99 -36.91 3.60
C ILE B 126 14.14 -35.92 3.62
N ALA B 127 15.30 -36.37 4.09
CA ALA B 127 16.52 -35.55 4.07
C ALA B 127 17.52 -36.20 3.12
N VAL B 128 18.06 -35.41 2.20
CA VAL B 128 18.97 -35.91 1.18
C VAL B 128 20.24 -35.08 1.19
N ASP B 129 21.31 -35.64 0.63
CA ASP B 129 22.58 -34.92 0.53
C ASP B 129 22.54 -33.92 -0.61
N GLU B 130 23.14 -32.75 -0.38
CA GLU B 130 23.17 -31.73 -1.42
C GLU B 130 24.09 -32.11 -2.57
N SER B 131 25.25 -32.70 -2.25
CA SER B 131 26.27 -32.92 -3.27
C SER B 131 25.88 -34.03 -4.23
N SER B 132 25.36 -35.15 -3.72
CA SER B 132 25.14 -36.32 -4.55
C SER B 132 23.73 -36.88 -4.42
N PHE B 133 22.78 -36.08 -3.92
CA PHE B 133 21.38 -36.47 -3.84
C PHE B 133 21.20 -37.79 -3.07
N ARG B 134 21.96 -37.93 -1.99
CA ARG B 134 21.97 -39.15 -1.20
C ARG B 134 21.09 -38.95 0.02
N ILE B 135 20.08 -39.80 0.17
CA ILE B 135 19.14 -39.70 1.28
C ILE B 135 19.80 -40.16 2.56
N ILE B 136 19.59 -39.40 3.64
CA ILE B 136 20.21 -39.71 4.92
C ILE B 136 19.16 -39.99 5.98
N GLY B 137 17.98 -39.41 5.80
CA GLY B 137 16.91 -39.58 6.78
C GLY B 137 15.55 -39.52 6.11
N TYR B 138 14.59 -40.24 6.71
CA TYR B 138 13.24 -40.29 6.18
C TYR B 138 12.25 -40.46 7.33
N SER B 139 11.02 -40.00 7.10
CA SER B 139 9.97 -40.16 8.08
C SER B 139 9.34 -41.54 7.96
N GLU B 140 8.77 -42.02 9.08
CA GLU B 140 8.12 -43.31 9.09
C GLU B 140 6.86 -43.35 8.25
N ASN B 141 6.29 -42.20 7.91
CA ASN B 141 5.10 -42.12 7.09
C ASN B 141 5.40 -42.04 5.60
N ALA B 142 6.66 -41.88 5.22
CA ALA B 142 6.98 -41.69 3.80
C ALA B 142 6.81 -42.99 3.01
N ARG B 143 7.22 -44.11 3.59
CA ARG B 143 7.24 -45.37 2.84
C ARG B 143 5.83 -45.87 2.49
N GLU B 144 4.80 -45.38 3.18
CA GLU B 144 3.45 -45.91 3.00
C GLU B 144 2.61 -45.09 2.02
N MET B 145 2.43 -43.81 2.30
CA MET B 145 1.51 -43.00 1.50
C MET B 145 2.09 -42.60 0.15
N LEU B 146 3.43 -42.62 0.01
CA LEU B 146 4.03 -42.20 -1.24
C LEU B 146 3.72 -43.17 -2.36
N GLY B 147 3.59 -44.46 -2.06
CA GLY B 147 3.22 -45.43 -3.06
C GLY B 147 4.05 -46.70 -3.05
N ILE B 148 5.09 -46.73 -2.23
CA ILE B 148 5.94 -47.90 -2.13
C ILE B 148 5.22 -48.99 -1.36
N MET B 149 5.20 -50.20 -1.91
CA MET B 149 4.56 -51.36 -1.30
C MET B 149 3.08 -51.10 -1.01
N ILE B 161 12.32 -50.86 -0.78
CA ILE B 161 12.83 -50.06 -1.89
C ILE B 161 13.42 -48.76 -1.38
N LEU B 162 12.66 -48.05 -0.55
CA LEU B 162 13.16 -46.80 0.02
C LEU B 162 14.39 -47.05 0.88
N ALA B 163 14.29 -47.97 1.83
CA ALA B 163 15.39 -48.42 2.68
C ALA B 163 16.25 -47.27 3.19
N MET B 164 17.55 -47.36 2.98
CA MET B 164 18.50 -46.33 3.37
C MET B 164 19.60 -46.23 2.31
N GLY B 165 20.04 -45.01 2.05
CA GLY B 165 21.12 -44.79 1.10
C GLY B 165 20.78 -45.12 -0.34
N THR B 166 19.78 -44.43 -0.88
CA THR B 166 19.38 -44.55 -2.28
C THR B 166 19.38 -43.18 -2.94
N ASP B 167 18.84 -43.12 -4.16
CA ASP B 167 18.79 -41.89 -4.94
C ASP B 167 17.37 -41.34 -4.91
N VAL B 168 17.24 -40.05 -4.59
CA VAL B 168 15.92 -39.43 -4.49
C VAL B 168 15.26 -39.35 -5.86
N ARG B 169 16.04 -39.07 -6.91
CA ARG B 169 15.48 -38.94 -8.25
C ARG B 169 14.82 -40.22 -8.72
N SER B 170 15.27 -41.37 -8.22
CA SER B 170 14.69 -42.65 -8.62
C SER B 170 13.29 -42.87 -8.08
N LEU B 171 12.82 -42.02 -7.18
CA LEU B 171 11.49 -42.16 -6.59
C LEU B 171 10.42 -41.36 -7.30
N PHE B 172 10.76 -40.65 -8.38
CA PHE B 172 9.82 -39.82 -9.11
C PHE B 172 10.04 -40.01 -10.60
N THR B 173 9.34 -39.20 -11.40
CA THR B 173 9.46 -39.26 -12.85
C THR B 173 10.67 -38.44 -13.31
N SER B 174 10.88 -38.41 -14.63
CA SER B 174 12.05 -37.74 -15.18
C SER B 174 11.92 -36.22 -15.07
N SER B 175 10.75 -35.68 -15.42
CA SER B 175 10.55 -34.23 -15.35
C SER B 175 10.64 -33.73 -13.91
N SER B 176 10.07 -34.48 -12.96
CA SER B 176 10.21 -34.12 -11.55
C SER B 176 11.66 -34.16 -11.12
N SER B 177 12.41 -35.14 -11.60
CA SER B 177 13.84 -35.21 -11.29
C SER B 177 14.58 -34.00 -11.82
N ILE B 178 14.25 -33.57 -13.05
CA ILE B 178 14.88 -32.38 -13.62
C ILE B 178 14.54 -31.15 -12.79
N LEU B 179 13.28 -31.03 -12.37
CA LEU B 179 12.88 -29.89 -11.54
C LEU B 179 13.62 -29.89 -10.22
N LEU B 180 13.76 -31.06 -9.59
CA LEU B 180 14.48 -31.15 -8.33
C LEU B 180 15.96 -30.80 -8.50
N GLU B 181 16.57 -31.26 -9.59
CA GLU B 181 17.96 -30.93 -9.86
C GLU B 181 18.13 -29.43 -10.06
N ARG B 182 17.23 -28.81 -10.80
CA ARG B 182 17.29 -27.36 -11.00
C ARG B 182 17.13 -26.62 -9.69
N ALA B 183 16.22 -27.08 -8.83
CA ALA B 183 16.05 -26.45 -7.52
C ALA B 183 17.31 -26.59 -6.67
N PHE B 184 17.95 -27.76 -6.72
CA PHE B 184 19.19 -27.96 -5.95
C PHE B 184 20.31 -27.06 -6.47
N VAL B 185 20.41 -26.90 -7.78
CA VAL B 185 21.51 -26.12 -8.36
C VAL B 185 21.40 -24.66 -7.95
N ALA B 186 20.18 -24.12 -7.90
CA ALA B 186 19.99 -22.72 -7.57
C ALA B 186 20.55 -22.40 -6.18
N ARG B 187 21.24 -21.26 -6.08
CA ARG B 187 21.88 -20.91 -4.81
C ARG B 187 20.85 -20.53 -3.75
N GLU B 188 19.75 -19.90 -4.14
CA GLU B 188 18.64 -19.65 -3.22
C GLU B 188 17.70 -20.85 -3.25
N ILE B 189 17.56 -21.52 -2.11
CA ILE B 189 16.57 -22.58 -1.99
C ILE B 189 15.16 -22.00 -2.10
N THR B 190 14.97 -20.79 -1.58
CA THR B 190 13.72 -20.06 -1.78
C THR B 190 13.59 -19.64 -3.25
N LEU B 191 12.48 -18.97 -3.55
CA LEU B 191 12.11 -18.49 -4.89
C LEU B 191 11.83 -19.63 -5.86
N LEU B 192 11.81 -20.88 -5.40
CA LEU B 192 11.47 -22.01 -6.24
C LEU B 192 10.46 -22.93 -5.55
N ASN B 193 9.88 -22.46 -4.45
CA ASN B 193 8.92 -23.23 -3.68
C ASN B 193 7.52 -22.68 -3.89
N PRO B 194 6.50 -23.55 -3.95
CA PRO B 194 6.58 -25.02 -3.92
C PRO B 194 6.89 -25.62 -5.30
N VAL B 195 7.27 -26.89 -5.35
CA VAL B 195 7.57 -27.58 -6.60
C VAL B 195 6.50 -28.64 -6.82
N TRP B 196 5.90 -28.64 -8.00
CA TRP B 196 4.83 -29.58 -8.35
C TRP B 196 5.48 -30.83 -8.92
N ILE B 197 5.73 -31.81 -8.05
CA ILE B 197 6.35 -33.05 -8.45
C ILE B 197 5.33 -34.17 -8.39
N HIS B 198 5.63 -35.26 -9.08
CA HIS B 198 4.74 -36.40 -9.20
C HIS B 198 5.39 -37.65 -8.64
N SER B 199 4.56 -38.56 -8.12
CA SER B 199 5.05 -39.84 -7.64
C SER B 199 5.42 -40.75 -8.82
N LYS B 200 6.13 -41.83 -8.50
CA LYS B 200 6.57 -42.80 -9.51
C LYS B 200 5.73 -44.07 -9.49
N ASN B 201 5.52 -44.66 -8.32
CA ASN B 201 4.78 -45.90 -8.22
C ASN B 201 3.27 -45.73 -8.37
N THR B 202 2.76 -44.52 -8.18
CA THR B 202 1.33 -44.26 -8.30
C THR B 202 0.97 -43.04 -9.13
N GLY B 203 1.89 -42.09 -9.32
CA GLY B 203 1.65 -40.94 -10.17
C GLY B 203 0.88 -39.79 -9.54
N LYS B 204 0.44 -39.92 -8.30
CA LYS B 204 -0.28 -38.84 -7.65
C LYS B 204 0.65 -37.67 -7.37
N PRO B 205 0.13 -36.45 -7.39
CA PRO B 205 0.98 -35.28 -7.16
C PRO B 205 1.34 -35.12 -5.69
N PHE B 206 2.37 -34.30 -5.45
CA PHE B 206 2.85 -34.03 -4.10
C PHE B 206 3.56 -32.68 -4.11
N TYR B 207 2.95 -31.69 -3.46
CA TYR B 207 3.63 -30.40 -3.30
C TYR B 207 4.87 -30.57 -2.44
N ALA B 208 5.94 -29.87 -2.78
CA ALA B 208 7.22 -30.00 -2.10
C ALA B 208 7.74 -28.62 -1.69
N ILE B 209 8.27 -28.54 -0.48
CA ILE B 209 8.88 -27.32 0.05
C ILE B 209 10.30 -27.65 0.47
N LEU B 210 11.26 -26.81 0.07
CA LEU B 210 12.67 -27.08 0.26
C LEU B 210 13.28 -26.08 1.23
N HIS B 211 14.24 -26.55 2.02
CA HIS B 211 15.00 -25.67 2.91
C HIS B 211 16.31 -26.35 3.28
N ARG B 212 17.32 -25.52 3.54
CA ARG B 212 18.65 -26.00 3.91
C ARG B 212 18.81 -26.01 5.43
N ILE B 213 19.51 -27.04 5.92
CA ILE B 213 19.78 -27.20 7.35
C ILE B 213 21.29 -27.21 7.62
N ASP B 214 22.09 -26.76 6.64
CA ASP B 214 23.55 -26.66 6.68
C ASP B 214 24.22 -28.02 6.82
N VAL B 215 23.44 -29.09 6.78
CA VAL B 215 23.95 -30.46 6.73
C VAL B 215 23.54 -31.15 5.45
N GLY B 216 22.27 -31.04 5.05
CA GLY B 216 21.80 -31.59 3.80
C GLY B 216 20.63 -30.79 3.26
N VAL B 217 19.75 -31.44 2.49
CA VAL B 217 18.56 -30.81 1.93
C VAL B 217 17.35 -31.63 2.37
N VAL B 218 16.31 -30.93 2.82
CA VAL B 218 15.12 -31.55 3.40
C VAL B 218 13.92 -31.22 2.52
N ILE B 219 13.16 -32.25 2.14
CA ILE B 219 11.95 -32.10 1.34
C ILE B 219 10.75 -32.51 2.16
N ASP B 220 9.69 -31.71 2.11
CA ASP B 220 8.42 -32.01 2.75
C ASP B 220 7.36 -32.21 1.68
N LEU B 221 6.66 -33.34 1.72
CA LEU B 221 5.66 -33.68 0.72
C LEU B 221 4.29 -33.72 1.39
N GLU B 222 3.34 -32.96 0.84
CA GLU B 222 1.97 -32.98 1.31
C GLU B 222 1.05 -33.35 0.16
N PRO B 223 0.12 -34.29 0.36
CA PRO B 223 -0.74 -34.72 -0.74
C PRO B 223 -1.58 -33.58 -1.29
N ALA B 224 -1.84 -33.63 -2.59
CA ALA B 224 -2.66 -32.64 -3.27
C ALA B 224 -4.00 -33.26 -3.66
N ARG B 225 -5.08 -32.52 -3.43
CA ARG B 225 -6.43 -33.01 -3.68
C ARG B 225 -6.92 -32.73 -5.09
N THR B 226 -6.18 -31.96 -5.88
CA THR B 226 -6.57 -31.60 -7.25
C THR B 226 -5.63 -32.31 -8.21
N GLU B 227 -6.05 -33.50 -8.66
CA GLU B 227 -5.24 -34.28 -9.60
C GLU B 227 -5.42 -33.85 -11.04
N ASP B 228 -6.42 -33.04 -11.35
CA ASP B 228 -6.62 -32.58 -12.71
C ASP B 228 -5.59 -31.51 -13.06
N PRO B 229 -4.77 -31.72 -14.09
CA PRO B 229 -3.77 -30.69 -14.45
C PRO B 229 -4.38 -29.34 -14.80
N ALA B 230 -5.55 -29.33 -15.43
CA ALA B 230 -6.15 -28.06 -15.87
C ALA B 230 -6.46 -27.15 -14.70
N LEU B 231 -6.98 -27.73 -13.61
CA LEU B 231 -7.40 -26.91 -12.47
C LEU B 231 -6.20 -26.40 -11.67
N SER B 232 -5.03 -27.00 -11.84
CA SER B 232 -3.87 -26.61 -11.04
C SER B 232 -3.42 -25.18 -11.36
N ILE B 233 -3.24 -24.87 -12.65
CA ILE B 233 -2.84 -23.52 -13.02
C ILE B 233 -3.93 -22.53 -12.68
N ALA B 234 -5.20 -22.94 -12.84
CA ALA B 234 -6.31 -22.07 -12.47
C ALA B 234 -6.22 -21.69 -11.00
N GLY B 235 -5.98 -22.65 -10.11
CA GLY B 235 -5.84 -22.35 -8.71
C GLY B 235 -4.61 -21.50 -8.41
N ALA B 236 -3.51 -21.79 -9.11
CA ALA B 236 -2.29 -21.02 -8.88
C ALA B 236 -2.49 -19.55 -9.23
N VAL B 237 -3.17 -19.26 -10.34
CA VAL B 237 -3.46 -17.87 -10.70
C VAL B 237 -4.51 -17.28 -9.76
N GLN B 238 -5.49 -18.08 -9.35
CA GLN B 238 -6.54 -17.56 -8.49
C GLN B 238 -6.01 -17.19 -7.11
N SER B 239 -4.92 -17.82 -6.67
CA SER B 239 -4.27 -17.38 -5.44
C SER B 239 -3.85 -15.91 -5.55
N GLN B 240 -3.16 -15.57 -6.64
CA GLN B 240 -2.74 -14.19 -6.86
C GLN B 240 -3.94 -13.27 -6.97
N LYS B 241 -4.97 -13.70 -7.71
CA LYS B 241 -6.14 -12.85 -7.89
C LYS B 241 -6.84 -12.56 -6.57
N LEU B 242 -7.02 -13.60 -5.74
CA LEU B 242 -7.65 -13.40 -4.43
C LEU B 242 -6.82 -12.49 -3.55
N ALA B 243 -5.50 -12.69 -3.55
CA ALA B 243 -4.64 -11.84 -2.72
C ALA B 243 -4.71 -10.38 -3.13
N VAL B 244 -4.65 -10.12 -4.44
CA VAL B 244 -4.66 -8.73 -4.90
C VAL B 244 -6.03 -8.10 -4.66
N ARG B 245 -7.10 -8.90 -4.79
CA ARG B 245 -8.43 -8.37 -4.50
C ARG B 245 -8.56 -8.00 -3.03
N ALA B 246 -8.07 -8.87 -2.14
CA ALA B 246 -8.13 -8.57 -0.71
C ALA B 246 -7.32 -7.32 -0.37
N ILE B 247 -6.13 -7.19 -0.97
CA ILE B 247 -5.30 -6.02 -0.70
C ILE B 247 -5.96 -4.75 -1.22
N SER B 248 -6.60 -4.83 -2.40
CA SER B 248 -7.33 -3.69 -2.93
C SER B 248 -8.48 -3.29 -2.01
N GLN B 249 -9.19 -4.27 -1.45
CA GLN B 249 -10.21 -3.97 -0.45
C GLN B 249 -9.58 -3.30 0.76
N LEU B 250 -8.41 -3.77 1.19
CA LEU B 250 -7.75 -3.21 2.37
C LEU B 250 -7.36 -1.76 2.16
N GLN B 251 -6.86 -1.41 0.97
CA GLN B 251 -6.32 -0.08 0.75
C GLN B 251 -7.40 1.00 0.81
N ALA B 252 -8.66 0.64 0.55
CA ALA B 252 -9.72 1.63 0.46
C ALA B 252 -10.02 2.31 1.79
N LEU B 253 -9.62 1.72 2.91
CA LEU B 253 -9.93 2.30 4.21
C LEU B 253 -9.18 3.61 4.42
N PRO B 254 -9.80 4.58 5.09
CA PRO B 254 -9.09 5.82 5.41
C PRO B 254 -7.91 5.57 6.34
N GLY B 255 -6.85 6.34 6.15
CA GLY B 255 -5.65 6.18 6.96
C GLY B 255 -5.64 7.04 8.20
N GLY B 256 -6.46 6.70 9.18
CA GLY B 256 -6.54 7.50 10.39
C GLY B 256 -6.69 6.74 11.69
N ASP B 257 -6.71 5.40 11.62
CA ASP B 257 -6.87 4.61 12.83
C ASP B 257 -6.35 3.19 12.59
N ILE B 258 -6.22 2.44 13.69
CA ILE B 258 -5.71 1.09 13.64
C ILE B 258 -6.80 0.05 13.90
N LYS B 259 -7.78 0.35 14.75
CA LYS B 259 -8.81 -0.63 15.08
C LYS B 259 -9.61 -1.04 13.84
N LEU B 260 -9.96 -0.08 12.99
CA LEU B 260 -10.65 -0.42 11.74
C LEU B 260 -9.78 -1.29 10.86
N LEU B 261 -8.47 -1.02 10.81
CA LEU B 261 -7.56 -1.85 10.03
C LEU B 261 -7.59 -3.29 10.50
N CYS B 262 -7.47 -3.50 11.81
CA CYS B 262 -7.48 -4.86 12.34
C CYS B 262 -8.82 -5.55 12.13
N ASP B 263 -9.92 -4.82 12.29
CA ASP B 263 -11.24 -5.41 12.06
C ASP B 263 -11.41 -5.84 10.62
N THR B 264 -11.00 -4.99 9.67
CA THR B 264 -11.09 -5.35 8.26
C THR B 264 -10.21 -6.56 7.95
N VAL B 265 -9.00 -6.59 8.53
CA VAL B 265 -8.08 -7.69 8.26
C VAL B 265 -8.65 -9.01 8.77
N VAL B 266 -9.19 -9.01 9.99
CA VAL B 266 -9.72 -10.25 10.54
C VAL B 266 -10.96 -10.69 9.78
N GLU B 267 -11.81 -9.74 9.35
CA GLU B 267 -12.96 -10.10 8.55
C GLU B 267 -12.55 -10.74 7.23
N SER B 268 -11.57 -10.13 6.55
CA SER B 268 -11.11 -10.66 5.27
C SER B 268 -10.49 -12.04 5.44
N VAL B 269 -9.67 -12.21 6.48
CA VAL B 269 -9.00 -13.50 6.67
C VAL B 269 -10.02 -14.58 7.04
N ARG B 270 -11.01 -14.24 7.87
CA ARG B 270 -12.05 -15.21 8.20
C ARG B 270 -12.84 -15.61 6.97
N ASP B 271 -13.19 -14.64 6.13
CA ASP B 271 -13.92 -14.95 4.90
C ASP B 271 -13.09 -15.83 3.98
N LEU B 272 -11.80 -15.51 3.83
CA LEU B 272 -10.94 -16.27 2.93
C LEU B 272 -10.71 -17.69 3.42
N THR B 273 -10.50 -17.86 4.73
CA THR B 273 -10.14 -19.16 5.29
C THR B 273 -11.34 -19.98 5.73
N GLY B 274 -12.41 -19.33 6.16
CA GLY B 274 -13.58 -20.05 6.64
C GLY B 274 -13.35 -20.82 7.92
N TYR B 275 -12.60 -20.26 8.86
CA TYR B 275 -12.36 -20.89 10.15
C TYR B 275 -13.55 -20.60 11.07
N ASP B 276 -13.39 -20.90 12.36
CA ASP B 276 -14.44 -20.65 13.33
C ASP B 276 -14.20 -19.41 14.17
N ARG B 277 -12.96 -18.99 14.36
CA ARG B 277 -12.65 -17.81 15.15
C ARG B 277 -11.34 -17.21 14.66
N VAL B 278 -11.35 -15.90 14.42
CA VAL B 278 -10.17 -15.17 13.96
C VAL B 278 -9.98 -13.96 14.87
N MET B 279 -8.75 -13.77 15.35
CA MET B 279 -8.47 -12.66 16.24
C MET B 279 -7.03 -12.20 16.04
N VAL B 280 -6.74 -11.01 16.55
CA VAL B 280 -5.43 -10.38 16.45
C VAL B 280 -4.87 -10.21 17.87
N HIS B 281 -3.65 -10.70 18.09
CA HIS B 281 -2.95 -10.51 19.35
C HIS B 281 -1.90 -9.42 19.19
N LYS B 282 -1.81 -8.54 20.17
CA LYS B 282 -0.82 -7.47 20.18
C LYS B 282 0.15 -7.70 21.34
N PHE B 283 1.44 -7.50 21.07
CA PHE B 283 2.48 -7.70 22.06
C PHE B 283 2.96 -6.35 22.59
N HIS B 284 2.92 -6.19 23.91
CA HIS B 284 3.30 -4.94 24.55
C HIS B 284 4.82 -4.92 24.77
N GLU B 285 5.28 -3.95 25.56
CA GLU B 285 6.71 -3.85 25.87
C GLU B 285 7.19 -5.07 26.65
N ASP B 286 6.40 -5.53 27.61
CA ASP B 286 6.74 -6.69 28.42
C ASP B 286 6.35 -7.99 27.76
N GLU B 287 6.09 -7.98 26.45
CA GLU B 287 5.80 -9.16 25.65
C GLU B 287 4.55 -9.90 26.11
N HIS B 288 3.64 -9.22 26.80
CA HIS B 288 2.39 -9.83 27.23
C HIS B 288 1.29 -9.49 26.22
N GLY B 289 0.54 -10.50 25.80
CA GLY B 289 -0.41 -10.34 24.72
C GLY B 289 -1.70 -9.68 25.13
N GLU B 290 -2.51 -9.35 24.12
CA GLU B 290 -3.79 -8.71 24.32
C GLU B 290 -4.58 -8.81 23.02
N VAL B 291 -5.83 -9.25 23.11
CA VAL B 291 -6.68 -9.38 21.94
C VAL B 291 -7.34 -8.03 21.66
N VAL B 292 -7.21 -7.56 20.42
CA VAL B 292 -7.76 -6.28 20.04
C VAL B 292 -8.82 -6.37 18.94
N ALA B 293 -9.05 -7.54 18.36
CA ALA B 293 -10.08 -7.73 17.35
C ALA B 293 -10.57 -9.16 17.40
N GLU B 294 -11.80 -9.38 16.95
CA GLU B 294 -12.42 -10.70 17.04
C GLU B 294 -13.51 -10.83 16.00
N SER B 295 -13.63 -12.03 15.43
CA SER B 295 -14.72 -12.36 14.52
C SER B 295 -14.99 -13.84 14.66
N LYS B 296 -16.21 -14.20 15.06
CA LYS B 296 -16.52 -15.57 15.41
C LYS B 296 -17.97 -15.89 15.09
N ARG B 297 -18.24 -17.18 14.95
CA ARG B 297 -19.62 -17.64 14.85
C ARG B 297 -20.33 -17.40 16.17
N ASP B 298 -21.58 -16.94 16.10
CA ASP B 298 -22.30 -16.48 17.28
C ASP B 298 -22.83 -17.65 18.11
N ASP B 299 -21.91 -18.56 18.44
CA ASP B 299 -22.21 -19.68 19.32
C ASP B 299 -21.23 -19.82 20.48
N LEU B 300 -20.09 -19.14 20.45
CA LEU B 300 -19.06 -19.27 21.47
C LEU B 300 -18.90 -17.97 22.25
N GLU B 301 -18.25 -18.08 23.40
CA GLU B 301 -17.99 -16.90 24.21
C GLU B 301 -16.94 -16.02 23.55
N PRO B 302 -17.09 -14.70 23.65
CA PRO B 302 -16.09 -13.81 23.05
C PRO B 302 -14.79 -13.80 23.84
N TYR B 303 -13.69 -13.50 23.14
CA TYR B 303 -12.38 -13.42 23.76
C TYR B 303 -11.74 -12.05 23.63
N ILE B 304 -12.47 -11.06 23.10
CA ILE B 304 -11.90 -9.74 22.87
C ILE B 304 -11.69 -9.04 24.22
N GLY B 305 -10.49 -8.50 24.41
CA GLY B 305 -10.15 -7.79 25.63
C GLY B 305 -9.33 -8.59 26.63
N LEU B 306 -9.15 -9.89 26.40
CA LEU B 306 -8.40 -10.73 27.33
C LEU B 306 -6.92 -10.37 27.27
N HIS B 307 -6.25 -10.55 28.41
CA HIS B 307 -4.80 -10.42 28.51
C HIS B 307 -4.23 -11.71 29.07
N TYR B 308 -2.97 -12.00 28.72
CA TYR B 308 -2.30 -13.18 29.23
C TYR B 308 -0.82 -12.87 29.44
N PRO B 309 -0.16 -13.60 30.34
CA PRO B 309 1.24 -13.31 30.64
C PRO B 309 2.16 -13.63 29.47
N ALA B 310 3.34 -13.01 29.50
CA ALA B 310 4.35 -13.25 28.47
C ALA B 310 4.91 -14.66 28.53
N THR B 311 4.71 -15.37 29.64
CA THR B 311 5.26 -16.71 29.78
C THR B 311 4.65 -17.69 28.78
N ASP B 312 3.41 -17.44 28.37
CA ASP B 312 2.73 -18.37 27.46
C ASP B 312 3.41 -18.46 26.11
N ILE B 313 4.25 -17.48 25.77
CA ILE B 313 4.94 -17.45 24.48
C ILE B 313 6.44 -17.51 24.76
N PRO B 314 7.07 -18.68 24.64
CA PRO B 314 8.52 -18.75 24.81
C PRO B 314 9.25 -18.01 23.69
N GLN B 315 10.48 -17.59 24.00
CA GLN B 315 11.26 -16.82 23.03
C GLN B 315 11.57 -17.62 21.77
N ALA B 316 11.61 -18.95 21.88
CA ALA B 316 11.86 -19.77 20.70
C ALA B 316 10.74 -19.62 19.67
N SER B 317 9.49 -19.56 20.14
CA SER B 317 8.37 -19.37 19.22
C SER B 317 8.44 -18.01 18.55
N ARG B 318 8.81 -16.98 19.30
CA ARG B 318 8.94 -15.65 18.71
C ARG B 318 10.04 -15.63 17.65
N PHE B 319 11.18 -16.26 17.94
CA PHE B 319 12.25 -16.33 16.96
C PHE B 319 11.80 -17.08 15.70
N LEU B 320 11.10 -18.21 15.88
CA LEU B 320 10.61 -18.97 14.74
C LEU B 320 9.63 -18.15 13.90
N PHE B 321 8.73 -17.42 14.56
CA PHE B 321 7.80 -16.58 13.82
C PHE B 321 8.51 -15.47 13.07
N LYS B 322 9.54 -14.88 13.68
CA LYS B 322 10.31 -13.86 12.98
C LYS B 322 11.09 -14.47 11.80
N GLN B 323 11.41 -15.76 11.87
CA GLN B 323 12.13 -16.39 10.77
C GLN B 323 11.17 -16.91 9.70
N ASN B 324 10.26 -17.81 10.07
CA ASN B 324 9.24 -18.34 9.18
C ASN B 324 7.89 -17.79 9.61
N ARG B 325 7.25 -17.02 8.73
CA ARG B 325 6.03 -16.31 9.10
C ARG B 325 4.77 -17.14 8.84
N VAL B 326 4.76 -18.37 9.34
CA VAL B 326 3.57 -19.22 9.25
C VAL B 326 3.72 -20.41 10.21
N ARG B 327 2.59 -20.90 10.72
CA ARG B 327 2.57 -22.10 11.56
C ARG B 327 1.14 -22.59 11.64
N MET B 328 0.90 -23.82 11.21
CA MET B 328 -0.45 -24.37 11.14
C MET B 328 -0.50 -25.75 11.77
N ILE B 329 -1.66 -26.07 12.34
CA ILE B 329 -1.90 -27.33 13.02
C ILE B 329 -3.20 -27.92 12.47
N VAL B 330 -3.13 -29.17 12.01
CA VAL B 330 -4.31 -29.84 11.50
C VAL B 330 -5.21 -30.32 12.64
N ASP B 331 -4.64 -31.03 13.60
CA ASP B 331 -5.37 -31.47 14.79
C ASP B 331 -4.38 -31.78 15.90
N CYS B 332 -4.86 -31.79 17.13
CA CYS B 332 -4.01 -32.04 18.29
C CYS B 332 -4.21 -33.42 18.89
N ASN B 333 -5.19 -34.19 18.43
CA ASN B 333 -5.45 -35.53 18.95
C ASN B 333 -4.77 -36.63 18.15
N ALA B 334 -4.03 -36.28 17.09
CA ALA B 334 -3.41 -37.29 16.25
C ALA B 334 -2.06 -37.70 16.81
N THR B 335 -1.71 -38.96 16.56
CA THR B 335 -0.45 -39.50 17.06
C THR B 335 0.72 -38.99 16.22
N PRO B 336 1.73 -38.36 16.82
CA PRO B 336 2.87 -37.90 16.03
C PRO B 336 3.67 -39.08 15.48
N VAL B 337 4.42 -38.80 14.41
CA VAL B 337 5.20 -39.80 13.70
C VAL B 337 6.67 -39.54 13.95
N LEU B 338 7.38 -40.59 14.38
CA LEU B 338 8.80 -40.45 14.69
C LEU B 338 9.62 -40.31 13.41
N VAL B 339 10.72 -39.58 13.51
CA VAL B 339 11.65 -39.39 12.40
C VAL B 339 12.81 -40.36 12.57
N VAL B 340 13.10 -41.13 11.53
CA VAL B 340 14.19 -42.11 11.55
C VAL B 340 15.46 -41.42 11.11
N GLN B 341 16.53 -41.56 11.90
CA GLN B 341 17.77 -40.87 11.67
C GLN B 341 18.87 -41.86 11.27
N ASP B 342 19.94 -41.35 10.67
CA ASP B 342 21.09 -42.13 10.27
C ASP B 342 22.17 -42.05 11.34
N ASP B 343 22.94 -43.13 11.48
CA ASP B 343 23.93 -43.24 12.54
C ASP B 343 25.31 -42.70 12.15
N ARG B 344 25.41 -41.95 11.06
CA ARG B 344 26.66 -41.31 10.67
C ARG B 344 26.75 -39.86 11.14
N LEU B 345 25.76 -39.38 11.90
CA LEU B 345 25.74 -38.01 12.36
C LEU B 345 25.48 -37.97 13.86
N THR B 346 26.04 -36.95 14.51
CA THR B 346 25.92 -36.78 15.95
C THR B 346 25.20 -35.51 16.37
N GLN B 347 24.96 -34.58 15.44
CA GLN B 347 24.30 -33.31 15.76
C GLN B 347 22.77 -33.41 15.72
N SER B 348 22.22 -34.62 15.57
CA SER B 348 20.78 -34.83 15.45
C SER B 348 20.29 -34.05 14.22
N MET B 349 19.06 -33.55 14.28
CA MET B 349 18.47 -32.82 13.16
C MET B 349 17.88 -31.51 13.65
N CYS B 350 18.07 -30.45 12.87
CA CYS B 350 17.52 -29.13 13.17
C CYS B 350 16.25 -28.95 12.36
N LEU B 351 15.12 -29.35 12.96
CA LEU B 351 13.82 -29.24 12.32
C LEU B 351 13.14 -27.90 12.61
N VAL B 352 13.92 -26.86 12.91
CA VAL B 352 13.35 -25.55 13.22
C VAL B 352 12.65 -24.98 11.98
N GLY B 353 13.29 -25.09 10.83
CA GLY B 353 12.73 -24.53 9.60
C GLY B 353 11.54 -25.29 9.06
N SER B 354 11.34 -26.52 9.50
CA SER B 354 10.24 -27.34 8.99
C SER B 354 8.89 -26.76 9.38
N THR B 355 7.93 -26.86 8.45
CA THR B 355 6.54 -26.54 8.73
C THR B 355 5.73 -27.77 9.13
N LEU B 356 6.32 -28.96 9.09
CA LEU B 356 5.63 -30.20 9.41
C LEU B 356 5.92 -30.68 10.82
N ARG B 357 6.60 -29.87 11.63
CA ARG B 357 6.97 -30.29 12.97
C ARG B 357 5.72 -30.50 13.84
N ALA B 358 5.81 -31.42 14.78
CA ALA B 358 4.69 -31.71 15.67
C ALA B 358 4.61 -30.64 16.77
N PRO B 359 3.41 -30.35 17.25
CA PRO B 359 3.27 -29.38 18.35
C PRO B 359 3.82 -29.93 19.65
N HIS B 360 4.23 -29.01 20.52
CA HIS B 360 4.77 -29.40 21.82
C HIS B 360 3.66 -29.95 22.71
N GLY B 361 4.07 -30.73 23.72
CA GLY B 361 3.09 -31.32 24.62
C GLY B 361 2.30 -30.28 25.40
N CYS B 362 2.97 -29.24 25.89
CA CYS B 362 2.30 -28.23 26.68
C CYS B 362 1.21 -27.53 25.88
N HIS B 363 1.56 -27.05 24.68
CA HIS B 363 0.57 -26.32 23.89
C HIS B 363 -0.52 -27.22 23.35
N SER B 364 -0.19 -28.48 23.04
CA SER B 364 -1.23 -29.42 22.63
C SER B 364 -2.23 -29.65 23.75
N GLN B 365 -1.74 -29.80 24.98
CA GLN B 365 -2.65 -29.90 26.13
C GLN B 365 -3.48 -28.63 26.29
N TYR B 366 -2.84 -27.47 26.13
CA TYR B 366 -3.54 -26.19 26.24
C TYR B 366 -4.69 -26.12 25.24
N MET B 367 -4.42 -26.44 23.97
CA MET B 367 -5.46 -26.44 22.96
C MET B 367 -6.52 -27.48 23.26
N ALA B 368 -6.12 -28.61 23.86
CA ALA B 368 -7.08 -29.65 24.22
C ALA B 368 -8.09 -29.13 25.24
N ASN B 369 -7.61 -28.45 26.28
CA ASN B 369 -8.56 -27.93 27.26
C ASN B 369 -9.35 -26.75 26.70
N MET B 370 -8.74 -25.96 25.82
CA MET B 370 -9.44 -24.82 25.24
C MET B 370 -10.63 -25.23 24.37
N GLY B 371 -10.55 -26.37 23.71
CA GLY B 371 -11.60 -26.83 22.82
C GLY B 371 -11.30 -26.65 21.35
N SER B 372 -10.30 -25.84 21.01
CA SER B 372 -9.90 -25.67 19.63
C SER B 372 -8.92 -26.76 19.21
N ILE B 373 -9.16 -27.35 18.04
CA ILE B 373 -8.34 -28.45 17.55
C ILE B 373 -7.40 -28.04 16.44
N ALA B 374 -7.74 -27.03 15.64
CA ALA B 374 -6.91 -26.58 14.53
C ALA B 374 -6.47 -25.15 14.75
N SER B 375 -5.23 -24.86 14.39
CA SER B 375 -4.65 -23.54 14.58
C SER B 375 -3.94 -23.09 13.31
N LEU B 376 -3.86 -21.78 13.15
CA LEU B 376 -3.19 -21.17 12.00
C LEU B 376 -2.74 -19.77 12.42
N ALA B 377 -1.45 -19.62 12.70
CA ALA B 377 -0.89 -18.37 13.21
C ALA B 377 0.08 -17.80 12.18
N MET B 378 -0.13 -16.54 11.82
CA MET B 378 0.77 -15.80 10.96
C MET B 378 1.19 -14.52 11.68
N ALA B 379 2.39 -14.06 11.38
CA ALA B 379 3.02 -12.97 12.12
C ALA B 379 2.89 -11.65 11.38
N VAL B 380 2.75 -10.57 12.14
CA VAL B 380 2.79 -9.21 11.62
C VAL B 380 4.15 -8.62 11.96
N ILE B 381 4.86 -8.14 10.95
CA ILE B 381 6.27 -7.74 11.10
C ILE B 381 6.42 -6.28 10.70
N ILE B 382 7.10 -5.52 11.55
CA ILE B 382 7.41 -4.12 11.29
C ILE B 382 8.92 -3.97 11.24
N ASN B 383 9.38 -2.93 10.54
CA ASN B 383 10.77 -2.51 10.66
C ASN B 383 10.92 -1.60 11.88
N GLY B 384 11.98 -1.83 12.64
CA GLY B 384 12.17 -1.08 13.87
C GLY B 384 13.64 -1.00 14.25
N ASN B 385 13.94 -0.01 15.07
CA ASN B 385 15.31 0.23 15.52
C ASN B 385 15.76 -0.85 16.49
N SER B 397 16.29 -1.45 8.94
CA SER B 397 16.81 -2.04 10.17
C SER B 397 16.23 -3.44 10.40
N SER B 398 16.47 -3.99 11.58
CA SER B 398 15.99 -5.31 11.90
C SER B 398 14.47 -5.29 12.09
N MET B 399 13.87 -6.48 12.02
CA MET B 399 12.42 -6.62 12.09
C MET B 399 11.96 -6.78 13.54
N ARG B 400 10.70 -6.43 13.77
CA ARG B 400 10.09 -6.52 15.09
C ARG B 400 8.76 -7.24 15.00
N LEU B 401 8.53 -8.19 15.89
CA LEU B 401 7.29 -8.96 15.91
C LEU B 401 6.24 -8.15 16.65
N TRP B 402 5.30 -7.55 15.90
CA TRP B 402 4.26 -6.75 16.50
C TRP B 402 3.16 -7.60 17.12
N GLY B 403 2.83 -8.73 16.50
CA GLY B 403 1.76 -9.56 17.03
C GLY B 403 1.53 -10.77 16.16
N LEU B 404 0.33 -11.33 16.27
CA LEU B 404 -0.03 -12.54 15.56
C LEU B 404 -1.49 -12.45 15.11
N VAL B 405 -1.82 -13.25 14.11
CA VAL B 405 -3.20 -13.50 13.71
C VAL B 405 -3.42 -15.00 13.78
N VAL B 406 -4.28 -15.44 14.70
CA VAL B 406 -4.48 -16.85 14.97
C VAL B 406 -5.92 -17.22 14.63
N CYS B 407 -6.12 -18.48 14.24
CA CYS B 407 -7.44 -18.99 13.89
C CYS B 407 -7.68 -20.30 14.64
N HIS B 408 -8.93 -20.53 15.04
CA HIS B 408 -9.32 -21.72 15.76
C HIS B 408 -10.52 -22.36 15.10
N HIS B 409 -10.57 -23.69 15.10
CA HIS B 409 -11.69 -24.44 14.57
C HIS B 409 -12.06 -25.56 15.52
N THR B 410 -13.36 -25.87 15.57
CA THR B 410 -13.84 -26.92 16.46
C THR B 410 -13.42 -28.31 16.00
N SER B 411 -13.14 -28.49 14.72
CA SER B 411 -12.72 -29.77 14.17
C SER B 411 -11.50 -29.56 13.29
N SER B 412 -10.93 -30.67 12.83
CA SER B 412 -9.72 -30.60 12.01
C SER B 412 -10.01 -29.88 10.69
N ARG B 413 -9.00 -29.15 10.21
CA ARG B 413 -9.15 -28.36 9.00
C ARG B 413 -7.80 -28.28 8.29
N CYS B 414 -7.71 -28.89 7.11
CA CYS B 414 -6.51 -28.82 6.28
C CYS B 414 -6.87 -27.99 5.05
N ILE B 415 -6.52 -26.71 5.07
CA ILE B 415 -6.88 -25.76 4.03
C ILE B 415 -6.00 -26.01 2.81
N PRO B 416 -6.51 -25.74 1.59
CA PRO B 416 -5.67 -25.91 0.40
C PRO B 416 -4.60 -24.84 0.29
N PHE B 417 -3.59 -25.14 -0.52
CA PHE B 417 -2.42 -24.27 -0.65
C PHE B 417 -2.73 -22.87 -1.15
N PRO B 418 -3.51 -22.67 -2.22
CA PRO B 418 -3.69 -21.30 -2.74
C PRO B 418 -4.25 -20.32 -1.72
N LEU B 419 -5.19 -20.74 -0.88
CA LEU B 419 -5.72 -19.84 0.14
C LEU B 419 -4.65 -19.48 1.17
N ARG B 420 -3.79 -20.46 1.50
CA ARG B 420 -2.68 -20.19 2.42
C ARG B 420 -1.76 -19.11 1.84
N TYR B 421 -1.39 -19.25 0.56
CA TYR B 421 -0.54 -18.23 -0.04
C TYR B 421 -1.26 -16.90 -0.18
N ALA B 422 -2.57 -16.91 -0.41
CA ALA B 422 -3.31 -15.66 -0.47
C ALA B 422 -3.25 -14.91 0.85
N CYS B 423 -3.46 -15.62 1.96
CA CYS B 423 -3.33 -15.00 3.27
C CYS B 423 -1.91 -14.51 3.51
N GLU B 424 -0.92 -15.30 3.12
CA GLU B 424 0.47 -14.91 3.32
C GLU B 424 0.79 -13.62 2.56
N PHE B 425 0.30 -13.50 1.32
CA PHE B 425 0.51 -12.27 0.56
C PHE B 425 -0.21 -11.10 1.19
N LEU B 426 -1.44 -11.31 1.68
CA LEU B 426 -2.22 -10.22 2.27
C LEU B 426 -1.54 -9.67 3.52
N MET B 427 -0.92 -10.53 4.32
CA MET B 427 -0.34 -10.05 5.57
C MET B 427 0.85 -9.13 5.36
N GLN B 428 1.52 -9.21 4.21
CA GLN B 428 2.59 -8.25 3.93
C GLN B 428 2.04 -6.83 3.79
N ALA B 429 0.96 -6.68 3.03
CA ALA B 429 0.31 -5.37 2.92
C ALA B 429 -0.25 -4.94 4.27
N PHE B 430 -0.76 -5.89 5.06
CA PHE B 430 -1.22 -5.58 6.41
C PHE B 430 -0.09 -4.95 7.22
N GLY B 431 1.09 -5.57 7.20
CA GLY B 431 2.22 -5.02 7.93
C GLY B 431 2.63 -3.64 7.44
N LEU B 432 2.66 -3.46 6.11
CA LEU B 432 3.01 -2.16 5.56
C LEU B 432 2.06 -1.07 6.06
N GLN B 433 0.75 -1.31 5.93
CA GLN B 433 -0.23 -0.31 6.32
C GLN B 433 -0.18 -0.05 7.82
N LEU B 434 0.01 -1.09 8.62
CA LEU B 434 0.05 -0.90 10.07
C LEU B 434 1.29 -0.09 10.48
N ASN B 435 2.43 -0.33 9.81
CA ASN B 435 3.60 0.49 10.06
C ASN B 435 3.34 1.96 9.73
N MET B 436 2.69 2.21 8.60
CA MET B 436 2.35 3.57 8.23
C MET B 436 1.46 4.22 9.28
N GLU B 437 0.44 3.50 9.74
CA GLU B 437 -0.47 4.03 10.75
C GLU B 437 0.28 4.35 12.04
N LEU B 438 1.19 3.45 12.46
CA LEU B 438 1.95 3.67 13.68
C LEU B 438 2.78 4.94 13.59
N GLN B 439 3.50 5.11 12.48
CA GLN B 439 4.34 6.30 12.34
C GLN B 439 3.52 7.58 12.31
N LEU B 440 2.38 7.56 11.59
CA LEU B 440 1.53 8.73 11.55
C LEU B 440 0.99 9.08 12.93
N ALA B 441 0.55 8.07 13.69
CA ALA B 441 0.05 8.33 15.04
C ALA B 441 1.14 8.90 15.93
N LEU B 442 2.37 8.39 15.80
CA LEU B 442 3.48 8.93 16.58
C LEU B 442 3.69 10.41 16.28
N GLN B 443 3.69 10.77 15.00
CA GLN B 443 3.90 12.17 14.63
C GLN B 443 2.78 13.06 15.17
N MET B 444 1.53 12.60 15.05
CA MET B 444 0.41 13.40 15.56
C MET B 444 0.49 13.56 17.07
N SER B 445 0.88 12.51 17.78
CA SER B 445 1.02 12.61 19.23
C SER B 445 2.10 13.62 19.61
N GLU B 446 3.24 13.59 18.90
CA GLU B 446 4.29 14.57 19.18
C GLU B 446 3.79 15.99 18.94
N LYS B 447 3.06 16.20 17.84
CA LYS B 447 2.56 17.55 17.55
C LYS B 447 1.59 18.03 18.62
N ARG B 448 0.67 17.15 19.06
CA ARG B 448 -0.29 17.57 20.09
C ARG B 448 0.41 17.85 21.41
N VAL B 449 1.45 17.06 21.73
CA VAL B 449 2.19 17.31 22.97
C VAL B 449 2.87 18.67 22.91
N LEU B 450 3.50 18.99 21.77
CA LEU B 450 4.13 20.30 21.64
C LEU B 450 3.10 21.43 21.77
N ARG B 451 1.94 21.25 21.15
CA ARG B 451 0.92 22.30 21.21
C ARG B 451 0.44 22.54 22.64
N THR B 452 0.14 21.47 23.37
CA THR B 452 -0.33 21.67 24.74
C THR B 452 0.77 22.21 25.63
N GLN B 453 2.03 21.82 25.39
CA GLN B 453 3.13 22.37 26.16
C GLN B 453 3.26 23.87 25.94
N THR B 454 3.15 24.33 24.69
CA THR B 454 3.28 25.76 24.44
C THR B 454 2.08 26.53 24.97
N LEU B 455 0.88 25.94 24.94
CA LEU B 455 -0.27 26.59 25.55
C LEU B 455 -0.07 26.73 27.07
N LEU B 456 0.46 25.68 27.71
CA LEU B 456 0.76 25.77 29.13
C LEU B 456 1.81 26.84 29.41
N CYS B 457 2.82 26.94 28.54
CA CYS B 457 3.85 27.96 28.71
C CYS B 457 3.24 29.36 28.63
N ASP B 458 2.37 29.58 27.65
CA ASP B 458 1.72 30.89 27.51
C ASP B 458 0.84 31.18 28.72
N MET B 459 0.15 30.17 29.25
CA MET B 459 -0.62 30.36 30.48
C MET B 459 0.28 30.77 31.63
N LEU B 460 1.42 30.08 31.79
CA LEU B 460 2.31 30.37 32.91
C LEU B 460 2.91 31.76 32.78
N LEU B 461 3.14 32.23 31.55
CA LEU B 461 3.75 33.55 31.38
C LEU B 461 2.87 34.65 31.95
N ARG B 462 1.55 34.53 31.80
CA ARG B 462 0.64 35.54 32.33
C ARG B 462 0.43 35.33 33.83
N ASP B 463 0.50 36.43 34.58
CA ASP B 463 0.30 36.52 36.02
C ASP B 463 1.10 35.42 36.74
N SER B 464 0.58 34.94 37.87
CA SER B 464 1.32 34.02 38.71
C SER B 464 1.42 32.64 38.07
N PRO B 465 2.50 31.90 38.33
CA PRO B 465 2.60 30.51 37.84
C PRO B 465 1.65 29.55 38.54
N ALA B 466 0.99 29.98 39.63
CA ALA B 466 0.04 29.12 40.32
C ALA B 466 -1.24 28.90 39.53
N GLY B 467 -1.44 29.63 38.43
CA GLY B 467 -2.62 29.49 37.61
C GLY B 467 -2.62 28.32 36.66
N ILE B 468 -1.58 27.48 36.72
CA ILE B 468 -1.52 26.30 35.87
C ILE B 468 -2.69 25.38 36.16
N VAL B 469 -3.00 25.18 37.44
CA VAL B 469 -4.03 24.22 37.84
C VAL B 469 -5.43 24.83 37.87
N THR B 470 -5.56 26.12 37.61
CA THR B 470 -6.84 26.81 37.74
C THR B 470 -7.61 26.94 36.43
N GLN B 471 -7.10 26.39 35.33
CA GLN B 471 -7.78 26.46 34.05
C GLN B 471 -7.93 25.06 33.45
N SER B 472 -8.82 24.97 32.46
CA SER B 472 -9.18 23.66 31.90
C SER B 472 -7.99 22.96 31.26
N PRO B 473 -7.18 23.59 30.40
CA PRO B 473 -5.94 22.93 29.97
C PRO B 473 -4.91 22.93 31.08
N SER B 474 -4.71 21.76 31.70
CA SER B 474 -3.86 21.65 32.89
C SER B 474 -2.79 20.60 32.72
N ILE B 475 -2.11 20.26 33.82
CA ILE B 475 -1.03 19.28 33.79
C ILE B 475 -1.54 17.93 33.30
N MET B 476 -2.76 17.56 33.69
CA MET B 476 -3.30 16.25 33.34
C MET B 476 -3.46 16.05 31.85
N ASP B 477 -3.51 17.12 31.06
CA ASP B 477 -3.74 17.00 29.63
C ASP B 477 -2.45 16.81 28.83
N LEU B 478 -1.29 16.91 29.47
CA LEU B 478 -0.03 16.80 28.76
C LEU B 478 0.52 15.37 28.69
N VAL B 479 0.07 14.48 29.58
CA VAL B 479 0.48 13.09 29.60
C VAL B 479 -0.71 12.24 29.99
N LYS B 480 -0.86 11.08 29.37
CA LYS B 480 -1.90 10.12 29.73
C LYS B 480 -1.70 9.70 31.17
N CYS B 481 -2.62 10.11 32.05
CA CYS B 481 -2.51 9.84 33.47
C CYS B 481 -3.88 9.96 34.10
N ASP B 482 -4.00 9.42 35.32
CA ASP B 482 -5.24 9.52 36.10
C ASP B 482 -5.19 10.62 37.15
N GLY B 483 -4.01 11.11 37.51
CA GLY B 483 -3.91 12.14 38.51
C GLY B 483 -2.57 12.85 38.53
N ALA B 484 -2.57 14.11 38.98
CA ALA B 484 -1.36 14.91 39.05
C ALA B 484 -1.50 15.90 40.20
N ALA B 485 -0.38 16.51 40.58
CA ALA B 485 -0.38 17.46 41.68
C ALA B 485 0.80 18.41 41.51
N PHE B 486 0.77 19.50 42.28
CA PHE B 486 1.81 20.51 42.27
C PHE B 486 2.00 21.06 43.68
N LEU B 487 3.24 21.11 44.13
CA LEU B 487 3.59 21.69 45.42
C LEU B 487 4.34 22.99 45.20
N TYR B 488 3.91 24.04 45.90
CA TYR B 488 4.50 25.37 45.70
C TYR B 488 4.40 26.14 47.01
N HIS B 489 5.54 26.32 47.67
CA HIS B 489 5.62 27.11 48.91
C HIS B 489 4.63 26.60 49.95
N GLY B 490 4.57 25.27 50.11
CA GLY B 490 3.70 24.64 51.09
C GLY B 490 2.30 24.33 50.58
N LYS B 491 1.69 25.26 49.86
CA LYS B 491 0.35 25.03 49.32
C LYS B 491 0.38 23.91 48.29
N TYR B 492 -0.60 23.02 48.39
CA TYR B 492 -0.66 21.82 47.56
C TYR B 492 -1.97 21.81 46.79
N TYR B 493 -1.88 21.66 45.47
CA TYR B 493 -3.04 21.71 44.59
C TYR B 493 -3.31 20.34 43.99
N PRO B 494 -4.40 19.67 44.37
CA PRO B 494 -4.70 18.36 43.80
C PRO B 494 -5.24 18.46 42.38
N LEU B 495 -5.16 17.33 41.67
CA LEU B 495 -5.77 17.19 40.36
C LEU B 495 -6.10 15.72 40.14
N GLY B 496 -7.35 15.44 39.77
CA GLY B 496 -7.75 14.06 39.52
C GLY B 496 -7.66 13.22 40.78
N VAL B 497 -7.31 11.94 40.60
CA VAL B 497 -7.16 11.02 41.71
C VAL B 497 -5.84 11.33 42.40
N ALA B 498 -5.91 12.06 43.52
CA ALA B 498 -4.73 12.45 44.26
C ALA B 498 -4.93 12.13 45.74
N PRO B 499 -3.87 11.77 46.46
CA PRO B 499 -3.99 11.48 47.88
C PRO B 499 -3.97 12.76 48.72
N SER B 500 -4.27 12.58 50.01
CA SER B 500 -4.37 13.70 50.93
C SER B 500 -3.00 14.32 51.19
N GLU B 501 -3.02 15.57 51.68
CA GLU B 501 -1.80 16.36 51.82
C GLU B 501 -0.79 15.68 52.73
N VAL B 502 -1.26 14.96 53.76
CA VAL B 502 -0.34 14.25 54.65
C VAL B 502 0.45 13.21 53.87
N GLN B 503 -0.21 12.45 53.00
CA GLN B 503 0.49 11.47 52.19
C GLN B 503 1.47 12.15 51.25
N ILE B 504 1.11 13.32 50.70
CA ILE B 504 2.03 14.05 49.85
C ILE B 504 3.28 14.43 50.61
N LYS B 505 3.14 14.97 51.82
CA LYS B 505 4.33 15.39 52.55
C LYS B 505 5.16 14.21 53.01
N ASP B 506 4.53 13.06 53.30
CA ASP B 506 5.31 11.85 53.56
C ASP B 506 6.12 11.43 52.33
N VAL B 507 5.51 11.49 51.14
CA VAL B 507 6.26 11.19 49.92
C VAL B 507 7.43 12.16 49.76
N VAL B 508 7.19 13.45 50.02
CA VAL B 508 8.25 14.44 49.87
C VAL B 508 9.41 14.16 50.83
N GLU B 509 9.10 13.86 52.09
CA GLU B 509 10.17 13.60 53.04
C GLU B 509 10.91 12.32 52.69
N TRP B 510 10.19 11.32 52.15
CA TRP B 510 10.88 10.16 51.58
C TRP B 510 11.90 10.62 50.54
N LEU B 511 11.45 11.45 49.59
CA LEU B 511 12.31 11.83 48.47
C LEU B 511 13.55 12.57 48.95
N LEU B 512 13.41 13.49 49.90
CA LEU B 512 14.59 14.13 50.45
C LEU B 512 15.46 13.14 51.22
N ALA B 513 14.85 12.12 51.85
CA ALA B 513 15.65 11.14 52.58
C ALA B 513 16.51 10.29 51.64
N ASN B 514 15.92 9.82 50.53
CA ASN B 514 16.58 8.84 49.68
C ASN B 514 17.29 9.49 48.49
N HIS B 515 16.54 10.18 47.63
CA HIS B 515 17.08 10.74 46.40
C HIS B 515 16.99 12.26 46.47
N ALA B 516 18.09 12.88 46.88
CA ALA B 516 18.16 14.33 47.03
C ALA B 516 18.92 15.03 45.92
N ASP B 517 19.91 14.37 45.32
CA ASP B 517 20.72 14.96 44.26
C ASP B 517 20.18 14.69 42.87
N SER B 518 19.09 13.93 42.74
CA SER B 518 18.53 13.62 41.44
C SER B 518 17.75 14.81 40.90
N THR B 519 17.37 14.71 39.63
CA THR B 519 16.53 15.73 38.99
C THR B 519 15.12 15.24 38.72
N GLY B 520 14.88 13.94 38.74
CA GLY B 520 13.55 13.40 38.52
C GLY B 520 13.49 11.94 38.88
N LEU B 521 12.27 11.46 39.07
CA LEU B 521 12.03 10.07 39.43
C LEU B 521 10.74 9.60 38.78
N SER B 522 10.72 8.33 38.36
CA SER B 522 9.53 7.77 37.72
C SER B 522 9.58 6.26 37.87
N THR B 523 8.56 5.70 38.52
CA THR B 523 8.40 4.26 38.63
C THR B 523 6.94 3.89 38.44
N ASP B 524 6.70 2.65 38.01
CA ASP B 524 5.34 2.20 37.73
C ASP B 524 4.63 1.65 38.95
N SER B 525 5.30 1.53 40.10
CA SER B 525 4.68 0.98 41.29
C SER B 525 5.31 1.61 42.52
N LEU B 526 4.46 2.21 43.38
CA LEU B 526 4.94 2.65 44.69
C LEU B 526 5.41 1.47 45.53
N GLY B 527 4.66 0.36 45.49
CA GLY B 527 5.15 -0.85 46.11
C GLY B 527 6.34 -1.42 45.37
N ASP B 528 7.11 -2.25 46.08
CA ASP B 528 8.33 -2.87 45.59
C ASP B 528 9.42 -1.82 45.39
N ALA B 529 9.06 -0.54 45.57
CA ALA B 529 10.02 0.55 45.49
C ALA B 529 10.54 1.00 46.85
N GLY B 530 10.01 0.45 47.94
CA GLY B 530 10.48 0.77 49.27
C GLY B 530 9.56 1.63 50.11
N TYR B 531 8.31 1.79 49.72
CA TYR B 531 7.39 2.63 50.48
C TYR B 531 6.73 1.82 51.59
N PRO B 532 6.94 2.18 52.86
CA PRO B 532 6.20 1.49 53.94
C PRO B 532 4.74 1.90 54.01
N GLY B 533 4.39 3.07 53.47
CA GLY B 533 3.02 3.53 53.47
C GLY B 533 2.29 3.23 52.18
N ALA B 534 2.81 2.25 51.42
CA ALA B 534 2.23 1.93 50.12
C ALA B 534 0.78 1.45 50.25
N ALA B 535 0.49 0.64 51.27
CA ALA B 535 -0.87 0.12 51.44
C ALA B 535 -1.86 1.23 51.78
N ALA B 536 -1.39 2.37 52.30
CA ALA B 536 -2.30 3.47 52.61
C ALA B 536 -2.96 4.01 51.34
N LEU B 537 -2.20 4.15 50.26
CA LEU B 537 -2.77 4.61 49.00
C LEU B 537 -3.79 3.61 48.46
N GLY B 538 -3.49 2.32 48.55
CA GLY B 538 -4.33 1.31 47.97
C GLY B 538 -4.07 1.18 46.47
N ASP B 539 -5.08 0.71 45.76
CA ASP B 539 -5.00 0.55 44.31
C ASP B 539 -5.51 1.81 43.58
N ALA B 540 -4.97 2.97 43.93
CA ALA B 540 -5.38 4.22 43.32
C ALA B 540 -4.23 5.16 42.99
N VAL B 541 -3.08 5.05 43.67
CA VAL B 541 -1.98 5.99 43.50
C VAL B 541 -0.73 5.18 43.16
N CYS B 542 -0.92 4.04 42.49
CA CYS B 542 0.16 3.08 42.31
C CYS B 542 1.28 3.62 41.42
N GLY B 543 0.94 4.24 40.29
CA GLY B 543 1.97 4.77 39.41
C GLY B 543 2.67 5.98 40.02
N MET B 544 3.84 6.31 39.47
CA MET B 544 4.62 7.39 40.04
C MET B 544 5.41 8.10 38.95
N ALA B 545 5.53 9.42 39.09
CA ALA B 545 6.41 10.23 38.26
C ALA B 545 6.58 11.58 38.94
N VAL B 546 7.83 11.99 39.18
CA VAL B 546 8.13 13.21 39.91
C VAL B 546 9.29 13.93 39.24
N ALA B 547 9.20 15.25 39.18
CA ALA B 547 10.29 16.10 38.69
C ALA B 547 10.42 17.29 39.65
N TYR B 548 11.56 17.37 40.33
CA TYR B 548 11.76 18.41 41.34
C TYR B 548 11.89 19.78 40.68
N ILE B 549 11.60 20.83 41.44
CA ILE B 549 11.82 22.18 40.95
C ILE B 549 13.17 22.68 41.45
N THR B 550 13.31 22.92 42.76
CA THR B 550 14.64 23.14 43.33
C THR B 550 14.95 22.13 44.42
N LYS B 551 14.27 22.19 45.57
CA LYS B 551 14.35 21.18 46.61
C LYS B 551 12.98 20.93 47.23
N ARG B 552 12.05 21.85 47.03
CA ARG B 552 10.80 21.87 47.78
C ARG B 552 9.56 21.87 46.90
N ASP B 553 9.58 22.62 45.80
CA ASP B 553 8.46 22.62 44.88
C ASP B 553 8.52 21.37 44.02
N PHE B 554 7.40 20.66 43.91
CA PHE B 554 7.36 19.37 43.25
C PHE B 554 6.25 19.35 42.20
N LEU B 555 6.56 18.73 41.06
CA LEU B 555 5.57 18.45 40.03
C LEU B 555 5.28 16.96 40.06
N PHE B 556 4.00 16.62 40.09
CA PHE B 556 3.55 15.30 40.51
C PHE B 556 2.74 14.64 39.40
N TRP B 557 2.90 13.32 39.26
CA TRP B 557 2.13 12.55 38.29
C TRP B 557 1.80 11.19 38.89
N PHE B 558 0.51 10.90 39.04
CA PHE B 558 0.04 9.64 39.59
C PHE B 558 -0.57 8.78 38.50
N ARG B 559 -0.70 7.48 38.78
CA ARG B 559 -1.35 6.54 37.89
C ARG B 559 -1.89 5.39 38.71
N SER B 560 -3.09 4.93 38.38
CA SER B 560 -3.71 3.84 39.12
C SER B 560 -3.23 2.49 38.59
N HIS B 561 -3.64 1.43 39.29
CA HIS B 561 -3.25 0.08 38.92
C HIS B 561 -3.96 -0.35 37.63
N THR B 562 -3.31 -1.28 36.91
CA THR B 562 -3.82 -1.76 35.63
C THR B 562 -4.92 -2.80 35.83
N ALA B 563 -6.01 -2.35 36.45
CA ALA B 563 -7.19 -3.19 36.59
C ALA B 563 -8.50 -2.46 36.29
N LYS B 564 -8.50 -1.13 36.23
CA LYS B 564 -9.71 -0.37 35.94
C LYS B 564 -9.89 -0.10 34.46
N GLU B 565 -8.91 -0.41 33.62
CA GLU B 565 -9.02 -0.28 32.18
C GLU B 565 -9.27 -1.63 31.50
N ILE B 566 -9.31 -2.71 32.26
CA ILE B 566 -9.55 -4.05 31.74
C ILE B 566 -10.88 -4.53 32.28
N LYS B 567 -11.77 -4.95 31.38
CA LYS B 567 -13.09 -5.42 31.78
C LYS B 567 -13.23 -6.92 31.58
N TRP B 568 -13.06 -7.42 30.35
CA TRP B 568 -13.12 -8.85 30.05
C TRP B 568 -14.30 -9.51 30.74
N GLY B 569 -15.52 -9.16 30.32
CA GLY B 569 -16.71 -9.62 31.01
C GLY B 569 -16.81 -11.14 31.10
N GLY B 570 -16.26 -11.85 30.12
CA GLY B 570 -16.27 -13.30 30.14
C GLY B 570 -15.26 -13.89 31.10
N GLN B 582 -6.12 -24.53 37.99
CA GLN B 582 -5.22 -25.67 37.94
C GLN B 582 -5.13 -26.23 36.52
N ARG B 583 -6.29 -26.37 35.87
CA ARG B 583 -6.31 -26.83 34.48
C ARG B 583 -5.99 -25.66 33.56
N MET B 584 -5.12 -25.92 32.58
CA MET B 584 -4.65 -24.86 31.70
C MET B 584 -5.80 -24.34 30.84
N HIS B 585 -5.98 -23.02 30.84
CA HIS B 585 -7.17 -22.42 30.26
C HIS B 585 -6.98 -20.91 30.14
N PRO B 586 -7.59 -20.26 29.15
CA PRO B 586 -7.51 -18.79 29.06
C PRO B 586 -7.95 -18.08 30.33
N ARG B 587 -8.96 -18.60 31.03
CA ARG B 587 -9.40 -17.97 32.28
C ARG B 587 -8.28 -17.99 33.32
N SER B 588 -7.60 -19.14 33.46
CA SER B 588 -6.47 -19.22 34.37
C SER B 588 -5.35 -18.29 33.95
N SER B 589 -5.12 -18.15 32.65
CA SER B 589 -4.10 -17.22 32.17
C SER B 589 -4.45 -15.78 32.53
N PHE B 590 -5.72 -15.40 32.39
CA PHE B 590 -6.14 -14.05 32.76
C PHE B 590 -5.98 -13.83 34.25
N GLN B 591 -6.36 -14.82 35.07
CA GLN B 591 -6.20 -14.68 36.52
C GLN B 591 -4.73 -14.55 36.90
N ALA B 592 -3.85 -15.34 36.27
CA ALA B 592 -2.43 -15.25 36.54
C ALA B 592 -1.88 -13.88 36.12
N PHE B 593 -2.34 -13.36 34.99
CA PHE B 593 -1.92 -12.03 34.57
C PHE B 593 -2.35 -10.97 35.58
N LEU B 594 -3.59 -11.06 36.05
CA LEU B 594 -4.06 -10.12 37.06
C LEU B 594 -3.23 -10.22 38.33
N GLU B 595 -2.84 -11.44 38.71
CA GLU B 595 -2.06 -11.61 39.92
C GLU B 595 -0.66 -11.02 39.77
N VAL B 596 0.00 -11.26 38.64
CA VAL B 596 1.39 -10.82 38.50
C VAL B 596 1.47 -9.30 38.39
N VAL B 597 0.54 -8.69 37.65
CA VAL B 597 0.58 -7.25 37.43
C VAL B 597 -0.08 -6.48 38.57
N LYS B 598 -0.57 -7.17 39.60
CA LYS B 598 -1.23 -6.49 40.70
C LYS B 598 -0.28 -5.53 41.40
N SER B 599 -0.84 -4.43 41.89
CA SER B 599 -0.06 -3.37 42.54
C SER B 599 1.02 -2.83 41.61
N ARG B 600 0.65 -2.58 40.36
CA ARG B 600 1.54 -1.96 39.40
C ARG B 600 0.72 -1.25 38.33
N SER B 601 1.28 -0.20 37.77
CA SER B 601 0.64 0.58 36.72
C SER B 601 1.34 0.37 35.39
N GLN B 602 0.81 1.00 34.35
CA GLN B 602 1.42 0.90 33.03
C GLN B 602 2.76 1.62 33.04
N PRO B 603 3.75 1.10 32.30
CA PRO B 603 5.05 1.77 32.25
C PRO B 603 4.96 3.11 31.54
N TRP B 604 5.73 4.06 32.03
CA TRP B 604 5.83 5.37 31.39
C TRP B 604 6.67 5.26 30.13
N GLU B 605 6.17 5.81 29.02
CA GLU B 605 6.89 5.76 27.76
C GLU B 605 7.92 6.89 27.68
N THR B 606 8.87 6.73 26.75
CA THR B 606 9.96 7.68 26.64
C THR B 606 9.46 9.08 26.31
N ALA B 607 8.51 9.18 25.37
CA ALA B 607 7.95 10.48 25.00
C ALA B 607 7.45 11.22 26.22
N GLU B 608 6.91 10.51 27.21
CA GLU B 608 6.58 11.14 28.48
C GLU B 608 7.81 11.71 29.15
N MET B 609 8.94 10.99 29.12
CA MET B 609 10.19 11.54 29.65
C MET B 609 10.54 12.86 28.97
N ASP B 610 10.55 12.88 27.63
CA ASP B 610 10.91 14.13 26.96
C ASP B 610 9.93 15.25 27.31
N ALA B 611 8.63 14.93 27.39
CA ALA B 611 7.65 15.95 27.72
C ALA B 611 7.90 16.54 29.11
N ILE B 612 8.08 15.67 30.11
CA ILE B 612 8.24 16.19 31.47
C ILE B 612 9.55 16.93 31.60
N HIS B 613 10.62 16.46 30.94
CA HIS B 613 11.90 17.15 31.04
C HIS B 613 11.83 18.53 30.37
N SER B 614 11.17 18.63 29.21
CA SER B 614 11.03 19.93 28.57
C SER B 614 10.22 20.88 29.44
N LEU B 615 9.10 20.40 29.99
CA LEU B 615 8.29 21.24 30.86
C LEU B 615 9.08 21.66 32.09
N GLN B 616 9.85 20.73 32.67
CA GLN B 616 10.64 21.04 33.85
C GLN B 616 11.71 22.08 33.55
N LEU B 617 12.39 21.97 32.40
CA LEU B 617 13.39 22.96 32.04
C LEU B 617 12.76 24.34 31.84
N ILE B 618 11.60 24.38 31.19
CA ILE B 618 10.90 25.65 31.02
C ILE B 618 10.53 26.24 32.39
N LEU B 619 10.05 25.39 33.30
CA LEU B 619 9.72 25.86 34.64
C LEU B 619 10.94 26.41 35.37
N ARG B 620 12.07 25.69 35.27
CA ARG B 620 13.30 26.14 35.91
C ARG B 620 13.72 27.50 35.36
N ASP B 621 13.61 27.68 34.05
CA ASP B 621 13.91 29.00 33.48
C ASP B 621 12.94 30.06 34.01
N SER B 622 11.67 29.69 34.19
CA SER B 622 10.69 30.66 34.66
C SER B 622 11.04 31.15 36.07
N PHE B 623 11.38 30.23 36.98
CA PHE B 623 11.81 30.70 38.30
C PHE B 623 13.20 31.33 38.30
N LYS B 624 14.06 30.95 37.35
CA LYS B 624 15.37 31.59 37.27
C LYS B 624 15.26 33.04 36.85
N GLU B 625 14.31 33.35 35.97
CA GLU B 625 14.07 34.75 35.60
C GLU B 625 13.64 35.57 36.80
N SER B 626 12.75 35.03 37.62
CA SER B 626 12.27 35.73 38.81
C SER B 626 13.31 35.68 39.93
N CYS C 15 -19.10 -5.69 2.70
CA CYS C 15 -17.74 -6.13 2.99
C CYS C 15 -17.47 -7.51 2.40
N ARG C 16 -17.54 -7.60 1.07
CA ARG C 16 -17.32 -8.84 0.36
C ARG C 16 -16.21 -8.66 -0.68
N LEU C 17 -15.56 -9.77 -1.03
CA LEU C 17 -14.46 -9.71 -1.98
C LEU C 17 -14.96 -9.24 -3.35
N SER C 18 -16.08 -9.79 -3.81
CA SER C 18 -16.72 -9.39 -5.06
C SER C 18 -15.78 -9.52 -6.26
N ASP C 19 -16.16 -8.91 -7.38
CA ASP C 19 -15.35 -8.93 -8.59
C ASP C 19 -15.43 -7.55 -9.25
N GLN C 20 -14.39 -7.22 -10.01
CA GLN C 20 -14.33 -5.93 -10.68
C GLN C 20 -15.49 -5.78 -11.65
N GLU C 21 -16.14 -4.61 -11.63
CA GLU C 21 -17.26 -4.31 -12.50
C GLU C 21 -16.89 -3.11 -13.37
N TYR C 22 -17.08 -3.25 -14.68
CA TYR C 22 -16.60 -2.27 -15.64
C TYR C 22 -17.68 -1.23 -15.94
N MET C 23 -17.22 -0.02 -16.26
CA MET C 23 -18.10 1.13 -16.48
C MET C 23 -17.68 1.86 -17.74
N GLU C 24 -18.65 2.55 -18.35
CA GLU C 24 -18.45 3.22 -19.63
C GLU C 24 -18.83 4.69 -19.53
N LEU C 25 -18.02 5.54 -20.16
CA LEU C 25 -18.28 6.98 -20.16
C LEU C 25 -19.35 7.34 -21.19
N VAL C 26 -20.35 8.11 -20.75
CA VAL C 26 -21.38 8.65 -21.63
C VAL C 26 -21.64 10.09 -21.26
N PHE C 27 -21.81 10.94 -22.28
CA PHE C 27 -22.04 12.36 -22.11
C PHE C 27 -23.53 12.64 -22.19
N GLU C 28 -24.15 12.97 -21.05
CA GLU C 28 -25.57 13.27 -20.99
C GLU C 28 -25.79 14.55 -20.21
N ASN C 29 -26.80 15.32 -20.63
CA ASN C 29 -27.22 16.53 -19.93
C ASN C 29 -26.09 17.53 -19.73
N GLY C 30 -25.20 17.64 -20.71
CA GLY C 30 -24.08 18.56 -20.61
C GLY C 30 -23.12 18.26 -19.48
N GLN C 31 -22.86 16.99 -19.21
CA GLN C 31 -21.98 16.61 -18.11
C GLN C 31 -21.46 15.21 -18.39
N ILE C 32 -20.24 14.95 -17.90
CA ILE C 32 -19.61 13.65 -18.01
C ILE C 32 -20.14 12.76 -16.89
N LEU C 33 -20.69 11.61 -17.26
CA LEU C 33 -21.12 10.60 -16.29
C LEU C 33 -20.58 9.25 -16.70
N ALA C 34 -20.22 8.43 -15.71
CA ALA C 34 -19.71 7.08 -15.94
C ALA C 34 -20.82 6.11 -15.59
N LYS C 35 -21.69 5.82 -16.56
CA LYS C 35 -22.84 4.97 -16.31
C LYS C 35 -22.41 3.52 -16.15
N GLY C 36 -23.03 2.82 -15.21
CA GLY C 36 -22.72 1.42 -15.00
C GLY C 36 -23.12 0.56 -16.17
N GLN C 37 -22.50 -0.62 -16.24
CA GLN C 37 -22.68 -1.47 -17.41
C GLN C 37 -23.88 -2.40 -17.23
N ARG C 38 -23.97 -3.07 -16.08
CA ARG C 38 -25.15 -3.81 -15.68
C ARG C 38 -25.64 -3.30 -14.33
N SER C 39 -26.93 -3.01 -14.25
CA SER C 39 -27.51 -2.52 -13.00
C SER C 39 -28.15 -3.67 -12.22
N ASN C 45 -29.51 -11.79 -5.37
CA ASN C 45 -28.91 -13.05 -4.95
C ASN C 45 -27.44 -12.87 -4.61
N GLN C 46 -27.18 -12.19 -3.49
CA GLN C 46 -25.81 -11.98 -3.04
C GLN C 46 -25.20 -13.27 -2.53
N ARG C 47 -23.87 -13.32 -2.52
CA ARG C 47 -23.16 -14.49 -2.03
C ARG C 47 -23.39 -14.64 -0.52
N THR C 48 -23.69 -15.86 -0.08
CA THR C 48 -23.95 -16.15 1.32
C THR C 48 -23.06 -17.26 1.86
N LYS C 49 -21.97 -17.57 1.16
CA LYS C 49 -21.06 -18.64 1.56
C LYS C 49 -19.63 -18.12 1.53
N SER C 50 -18.79 -18.70 2.39
CA SER C 50 -17.38 -18.33 2.43
C SER C 50 -16.67 -18.84 1.18
N ILE C 51 -15.53 -18.22 0.88
CA ILE C 51 -14.79 -18.54 -0.33
C ILE C 51 -14.31 -19.99 -0.31
N MET C 52 -14.07 -20.55 0.87
CA MET C 52 -13.66 -21.95 0.96
C MET C 52 -14.75 -22.88 0.43
N ASP C 53 -16.01 -22.58 0.73
CA ASP C 53 -17.11 -23.38 0.21
C ASP C 53 -17.18 -23.30 -1.31
N LEU C 54 -16.97 -22.10 -1.86
CA LEU C 54 -16.94 -21.94 -3.31
C LEU C 54 -15.81 -22.74 -3.93
N TYR C 55 -14.64 -22.71 -3.29
CA TYR C 55 -13.50 -23.48 -3.78
C TYR C 55 -13.80 -24.97 -3.79
N GLU C 56 -14.44 -25.47 -2.71
CA GLU C 56 -14.78 -26.87 -2.65
C GLU C 56 -15.81 -27.24 -3.71
N ALA C 57 -16.83 -26.40 -3.89
CA ALA C 57 -17.91 -26.74 -4.82
C ALA C 57 -17.46 -26.68 -6.27
N GLU C 58 -16.80 -25.59 -6.65
CA GLU C 58 -16.45 -25.39 -8.06
C GLU C 58 -15.32 -26.30 -8.50
N TYR C 59 -14.29 -26.43 -7.68
CA TYR C 59 -13.12 -27.25 -8.03
C TYR C 59 -13.34 -28.72 -7.70
N ASN C 60 -14.45 -29.26 -8.20
CA ASN C 60 -14.84 -30.65 -7.97
C ASN C 60 -14.59 -31.43 -9.25
N GLU C 61 -13.60 -32.31 -9.22
CA GLU C 61 -13.29 -33.14 -10.39
C GLU C 61 -14.03 -34.48 -10.34
N ASP C 62 -15.35 -34.40 -10.14
CA ASP C 62 -16.17 -35.61 -10.12
C ASP C 62 -16.44 -36.14 -11.53
N PHE C 63 -16.59 -35.23 -12.50
CA PHE C 63 -16.90 -35.64 -13.87
C PHE C 63 -15.73 -36.28 -14.59
N MET C 64 -14.54 -36.28 -14.00
CA MET C 64 -13.43 -37.03 -14.59
C MET C 64 -13.76 -38.51 -14.65
N LYS C 65 -14.32 -39.06 -13.57
CA LYS C 65 -14.64 -40.48 -13.42
C LYS C 65 -13.59 -41.40 -14.02
CAH O6E D . -5.00 11.45 -30.28
CAC O6E D . -3.45 11.43 -30.47
CBJ O6E D . -2.99 12.03 -29.14
CBD O6E D . -1.78 12.96 -29.29
CAT O6E D . -2.00 14.35 -28.74
CAX O6E D . -0.67 12.25 -28.54
OBQ O6E D . 0.49 12.60 -28.46
NBP O6E D . -1.20 11.14 -27.94
CBN O6E D . -2.54 10.96 -28.18
CAQ O6E D . -3.36 10.01 -27.69
CAY O6E D . -3.16 8.91 -26.80
NAN O6E D . -2.20 8.77 -25.85
CBE O6E D . -3.97 7.76 -26.75
CAU O6E D . -5.15 7.50 -27.61
CBK O6E D . -3.47 6.94 -25.75
CAD O6E D . -4.01 5.61 -25.34
CAI O6E D . -3.58 4.48 -26.27
CAM O6E D . -4.20 3.11 -25.93
OBG O6E D . -3.81 2.59 -24.86
OBA O6E D . -5.02 2.63 -26.73
CBO O6E D . -2.35 7.58 -25.19
CAO O6E D . -1.55 7.10 -24.16
CAV O6E D . -0.30 7.47 -23.68
NAE O6E D . 0.49 8.48 -24.18
CBB O6E D . 0.34 6.84 -22.56
CAA O6E D . -0.17 5.70 -21.74
CAF O6E D . -0.30 4.37 -22.48
CAL O6E D . 1.01 3.68 -22.92
OBF O6E D . 2.06 4.28 -22.63
OAZ O6E D . 0.91 2.59 -23.52
CBH O6E D . 1.54 7.48 -22.40
CAR O6E D . 2.55 7.15 -21.35
CBL O6E D . 1.60 8.48 -23.44
CAP O6E D . 2.65 9.45 -23.70
CAW O6E D . 3.99 9.31 -23.66
CBC O6E D . 4.97 10.36 -23.92
CAS O6E D . 4.57 11.76 -24.26
NAJ O6E D . 4.72 8.17 -23.39
CBM O6E D . 6.06 8.41 -23.44
OAK O6E D . 6.93 7.57 -23.25
CBI O6E D . 6.21 9.84 -23.79
CAB O6E D . 7.47 10.53 -23.97
CAG O6E D . 8.65 10.16 -23.46
CAH O6E E . 4.48 -25.12 29.51
CAC O6E E . 3.94 -24.74 28.14
CBJ O6E E . 3.88 -23.22 27.93
CBD O6E E . 2.80 -22.54 28.79
CAT O6E E . 3.31 -21.34 29.57
CAX O6E E . 1.74 -22.12 27.79
OBQ O6E E . 0.65 -21.68 28.02
NBP O6E E . 2.23 -22.35 26.53
CBN O6E E . 3.50 -22.87 26.52
CAQ O6E E . 4.32 -23.05 25.46
CAY O6E E . 4.15 -22.79 24.06
NAN O6E E . 3.37 -21.84 23.50
CBE O6E E . 4.79 -23.49 23.03
CAU O6E E . 5.75 -24.62 23.20
CBK O6E E . 4.37 -22.94 21.82
CAD O6E E . 4.79 -23.37 20.46
CAI O6E E . 3.97 -24.54 19.94
CAM O6E E . 4.45 -25.15 18.61
OBG O6E E . 4.72 -24.33 17.72
OBA O6E E . 4.54 -26.39 18.53
CBO O6E E . 3.47 -21.89 22.13
CAO O6E E . 2.81 -21.06 21.23
CAV O6E E . 1.71 -20.23 21.37
NAE O6E E . 0.98 -20.05 22.52
CBB O6E E . 1.17 -19.42 20.31
CAA O6E E . 1.69 -19.33 18.92
CAF O6E E . 0.82 -19.94 17.81
CAL O6E E . -0.14 -21.09 18.17
OBF O6E E . -1.09 -20.80 18.93
OAZ O6E E . 0.09 -22.21 17.68
CBH O6E E . 0.09 -18.75 20.85
CAR O6E E . -0.78 -17.79 20.13
CBL O6E E . 0.02 -19.19 22.23
CAP O6E E . -0.92 -18.80 23.25
CAW O6E E . -2.26 -18.62 23.18
CBC O6E E . -3.15 -18.22 24.26
CAS O6E E . -2.65 -17.93 25.64
NAJ O6E E . -3.07 -18.80 22.08
CBM O6E E . -4.39 -18.53 22.36
OAK O6E E . -5.31 -18.61 21.57
CBI O6E E . -4.41 -18.16 23.79
CAB O6E E . -5.60 -17.80 24.54
CAG O6E E . -6.83 -17.59 24.06
#